data_8BG3
#
_entry.id   8BG3
#
_cell.length_a   71.994
_cell.length_b   60.167
_cell.length_c   113.126
_cell.angle_alpha   90.000
_cell.angle_beta   105.403
_cell.angle_gamma   90.000
#
_symmetry.space_group_name_H-M   'P 1 21 1'
#
loop_
_entity.id
_entity.type
_entity.pdbx_description
1 polymer 'pT1610 single-chain Fv'
2 polymer 'Spike protein S1'
3 non-polymer 2-acetamido-2-deoxy-beta-D-glucopyranose
4 water water
#
loop_
_entity_poly.entity_id
_entity_poly.type
_entity_poly.pdbx_seq_one_letter_code
_entity_poly.pdbx_strand_id
1 'polypeptide(L)'
;EVRLVESGGGLIQPGGSLRLSCAASEITVSDNYMSWVRQAPGKGLEWVSVLYSGGSAFYADSVKGRFTISRDNSKNTLYL
QMNSLRAEDTAVYYCARGDGWEPPFDFWGQGTLVTVSSGTGGSGGGGSGGGGSGGGGQSALTQPPSASGSPGQSVRISCT
GTSSDVGGHNFVSWFQQHPGKAPKLMIYEVSKRPSGVPDRFSGSKSGNTASLTVSGLQAEDEADYYCSSYAGSNNLLFGG
GTKLTVLDDDDK
;
A,C
2 'polypeptide(L)'
;NLCPFGEVFNATRFASVYAWNRKRISNCVADYSVLYNSASFSTFKCYGVSPTKLNDLCFTNVYADSFVIRGDEVRQIAPG
QTGKIADYNYKLPDDFTGCVIAWNSNNLDSKVGGNYNYLYRLFRKSNLKPFERDISTEIYQAGSTPCNGVEGFNCYFPLQ
SYGFQPTNGVGYQPYRVVVLSFELLHAPATVCGPDDDDK
;
B,D
#
loop_
_chem_comp.id
_chem_comp.type
_chem_comp.name
_chem_comp.formula
NAG D-saccharide, beta linking 2-acetamido-2-deoxy-beta-D-glucopyranose 'C8 H15 N O6'
#
# COMPACT_ATOMS: atom_id res chain seq x y z
N GLU A 1 -4.32 -6.99 32.87
CA GLU A 1 -5.34 -7.77 32.12
C GLU A 1 -4.90 -7.89 30.65
N VAL A 2 -5.27 -8.97 30.00
CA VAL A 2 -4.99 -9.17 28.58
C VAL A 2 -6.11 -8.49 27.78
N ARG A 3 -5.74 -7.54 26.93
CA ARG A 3 -6.74 -6.85 26.14
C ARG A 3 -6.18 -6.46 24.77
N LEU A 4 -7.06 -6.46 23.78
CA LEU A 4 -6.80 -5.84 22.48
C LEU A 4 -7.97 -4.89 22.22
N VAL A 5 -7.69 -3.60 22.04
CA VAL A 5 -8.73 -2.57 21.99
C VAL A 5 -8.54 -1.76 20.72
N GLU A 6 -9.45 -1.93 19.77
CA GLU A 6 -9.40 -1.23 18.50
C GLU A 6 -9.94 0.18 18.67
N SER A 7 -9.47 1.09 17.82
CA SER A 7 -10.11 2.39 17.69
C SER A 7 -9.85 2.91 16.28
N GLY A 8 -10.48 4.03 15.96
CA GLY A 8 -10.63 4.44 14.58
C GLY A 8 -11.82 3.77 13.94
N GLY A 9 -12.32 4.39 12.88
CA GLY A 9 -13.42 3.83 12.14
C GLY A 9 -14.33 4.92 11.60
N GLY A 10 -15.46 4.49 11.04
CA GLY A 10 -16.50 5.40 10.58
C GLY A 10 -16.79 5.23 9.10
N LEU A 11 -17.26 6.30 8.48
CA LEU A 11 -17.75 6.32 7.11
C LEU A 11 -16.76 7.10 6.24
N ILE A 12 -16.37 6.50 5.11
CA ILE A 12 -15.46 7.10 4.15
C ILE A 12 -16.03 6.93 2.76
N GLN A 13 -15.72 7.86 1.86
CA GLN A 13 -16.09 7.70 0.46
C GLN A 13 -15.02 6.91 -0.29
N PRO A 14 -15.37 6.24 -1.38
CA PRO A 14 -14.38 5.44 -2.11
C PRO A 14 -13.22 6.29 -2.57
N GLY A 15 -12.02 5.72 -2.50
CA GLY A 15 -10.80 6.46 -2.68
C GLY A 15 -10.26 7.12 -1.44
N GLY A 16 -11.04 7.15 -0.37
CA GLY A 16 -10.58 7.69 0.90
C GLY A 16 -9.64 6.73 1.62
N SER A 17 -9.32 7.11 2.85
CA SER A 17 -8.21 6.60 3.64
C SER A 17 -8.69 6.55 5.09
N LEU A 18 -8.19 5.58 5.84
CA LEU A 18 -8.49 5.52 7.25
C LEU A 18 -7.40 4.73 7.94
N ARG A 19 -7.11 5.07 9.19
CA ARG A 19 -6.14 4.31 9.97
C ARG A 19 -6.79 3.75 11.23
N LEU A 20 -6.66 2.44 11.41
CA LEU A 20 -7.18 1.76 12.58
C LEU A 20 -6.04 1.51 13.56
N SER A 21 -6.40 1.48 14.84
CA SER A 21 -5.45 1.27 15.92
C SER A 21 -5.89 0.03 16.70
N CYS A 22 -4.93 -0.63 17.34
CA CYS A 22 -5.25 -1.77 18.19
C CYS A 22 -4.26 -1.70 19.35
N ALA A 23 -4.72 -1.21 20.49
CA ALA A 23 -3.88 -1.02 21.66
C ALA A 23 -3.92 -2.27 22.52
N ALA A 24 -2.77 -2.85 22.77
CA ALA A 24 -2.71 -4.12 23.50
C ALA A 24 -2.32 -3.91 24.96
N SER A 25 -2.77 -4.84 25.81
CA SER A 25 -2.31 -4.94 27.18
C SER A 25 -1.86 -6.37 27.45
N GLU A 26 -0.70 -6.50 28.10
CA GLU A 26 -0.10 -7.78 28.46
C GLU A 26 0.51 -8.45 27.23
N ILE A 27 -0.31 -8.80 26.24
CA ILE A 27 0.26 -9.20 24.96
C ILE A 27 1.18 -8.07 24.48
N THR A 28 2.40 -8.43 24.07
CA THR A 28 3.37 -7.44 23.58
C THR A 28 3.37 -7.47 22.03
N VAL A 29 2.88 -6.40 21.42
CA VAL A 29 2.68 -6.40 19.98
C VAL A 29 3.98 -6.70 19.24
N SER A 30 5.09 -6.11 19.66
CA SER A 30 6.33 -6.24 18.92
C SER A 30 6.91 -7.64 18.96
N ASP A 31 6.44 -8.48 19.86
CA ASP A 31 6.98 -9.83 20.06
C ASP A 31 6.10 -10.90 19.47
N ASN A 32 4.99 -10.53 18.85
CA ASN A 32 3.97 -11.50 18.46
C ASN A 32 3.62 -11.37 16.98
N TYR A 33 3.19 -12.49 16.39
CA TYR A 33 2.35 -12.46 15.20
C TYR A 33 1.08 -11.67 15.55
N MET A 34 0.81 -10.59 14.81
CA MET A 34 -0.37 -9.75 15.03
C MET A 34 -1.10 -9.54 13.72
N SER A 35 -2.42 -9.72 13.74
CA SER A 35 -3.18 -9.72 12.49
C SER A 35 -4.40 -8.82 12.56
N TRP A 36 -4.89 -8.48 11.37
CA TRP A 36 -6.21 -7.91 11.20
C TRP A 36 -7.07 -8.92 10.43
N VAL A 37 -8.31 -9.08 10.88
CA VAL A 37 -9.29 -9.95 10.26
C VAL A 37 -10.54 -9.10 10.11
N ARG A 38 -11.24 -9.23 9.00
CA ARG A 38 -12.42 -8.41 8.80
C ARG A 38 -13.65 -9.26 8.50
N GLN A 39 -14.81 -8.63 8.67
CA GLN A 39 -16.09 -9.31 8.46
C GLN A 39 -17.08 -8.29 7.89
N ALA A 40 -17.42 -8.43 6.60
CA ALA A 40 -18.45 -7.62 6.00
C ALA A 40 -19.80 -7.89 6.69
N PRO A 41 -20.66 -6.89 6.78
CA PRO A 41 -21.92 -7.06 7.53
C PRO A 41 -22.71 -8.27 7.00
N GLY A 42 -23.08 -9.14 7.91
CA GLY A 42 -23.85 -10.31 7.57
C GLY A 42 -23.08 -11.38 6.83
N LYS A 43 -21.76 -11.26 6.73
CA LYS A 43 -20.96 -12.19 5.95
C LYS A 43 -19.90 -12.84 6.84
N GLY A 44 -18.95 -13.52 6.19
CA GLY A 44 -17.98 -14.33 6.88
C GLY A 44 -16.70 -13.58 7.16
N LEU A 45 -15.77 -14.29 7.76
CA LEU A 45 -14.49 -13.73 8.14
C LEU A 45 -13.50 -13.79 6.98
N GLU A 46 -12.66 -12.77 6.88
CA GLU A 46 -11.59 -12.69 5.88
C GLU A 46 -10.31 -12.18 6.53
N TRP A 47 -9.24 -12.97 6.45
CA TRP A 47 -7.94 -12.52 6.91
C TRP A 47 -7.44 -11.36 6.04
N VAL A 48 -6.89 -10.33 6.68
CA VAL A 48 -6.48 -9.10 6.00
C VAL A 48 -4.97 -8.94 5.96
N SER A 49 -4.31 -9.10 7.11
CA SER A 49 -2.89 -8.80 7.19
C SER A 49 -2.29 -9.41 8.46
N VAL A 50 -0.99 -9.67 8.40
CA VAL A 50 -0.25 -10.09 9.58
C VAL A 50 1.09 -9.35 9.62
N LEU A 51 1.52 -9.01 10.84
CA LEU A 51 2.82 -8.41 11.10
C LEU A 51 3.60 -9.34 12.02
N TYR A 52 4.78 -9.75 11.58
CA TYR A 52 5.63 -10.67 12.31
C TYR A 52 6.43 -9.93 13.36
N SER A 53 6.84 -10.66 14.40
CA SER A 53 7.65 -10.05 15.45
C SER A 53 8.89 -9.38 14.91
N GLY A 54 9.49 -9.95 13.85
CA GLY A 54 10.70 -9.40 13.28
C GLY A 54 10.48 -8.29 12.28
N GLY A 55 9.23 -7.98 11.97
CA GLY A 55 8.92 -6.85 11.12
C GLY A 55 8.33 -7.21 9.77
N SER A 56 8.43 -8.47 9.35
CA SER A 56 7.85 -8.84 8.05
C SER A 56 6.33 -8.70 8.09
N ALA A 57 5.77 -8.25 6.97
CA ALA A 57 4.34 -8.06 6.82
C ALA A 57 3.84 -8.87 5.63
N PHE A 58 2.63 -9.42 5.75
CA PHE A 58 1.98 -10.14 4.67
C PHE A 58 0.52 -9.72 4.59
N TYR A 59 -0.03 -9.81 3.38
CA TYR A 59 -1.35 -9.25 3.09
C TYR A 59 -2.17 -10.21 2.24
N ALA A 60 -3.47 -10.21 2.48
CA ALA A 60 -4.40 -10.87 1.57
C ALA A 60 -4.33 -10.22 0.20
N ASP A 61 -4.51 -11.04 -0.84
CA ASP A 61 -4.48 -10.52 -2.21
C ASP A 61 -5.44 -9.33 -2.39
N SER A 62 -6.56 -9.33 -1.67
CA SER A 62 -7.55 -8.28 -1.90
C SER A 62 -7.10 -6.91 -1.44
N VAL A 63 -6.16 -6.83 -0.50
CA VAL A 63 -5.73 -5.56 0.05
C VAL A 63 -4.27 -5.23 -0.26
N LYS A 64 -3.52 -6.18 -0.82
CA LYS A 64 -2.10 -5.93 -1.09
C LYS A 64 -1.93 -4.70 -1.97
N GLY A 65 -1.04 -3.80 -1.53
CA GLY A 65 -0.76 -2.59 -2.24
C GLY A 65 -1.61 -1.42 -1.81
N ARG A 66 -2.66 -1.65 -1.04
CA ARG A 66 -3.51 -0.58 -0.55
C ARG A 66 -3.43 -0.41 0.96
N PHE A 67 -3.31 -1.51 1.71
CA PHE A 67 -3.25 -1.46 3.16
C PHE A 67 -1.82 -1.66 3.63
N THR A 68 -1.51 -1.11 4.80
CA THR A 68 -0.20 -1.25 5.42
C THR A 68 -0.40 -1.55 6.90
N ILE A 69 0.21 -2.63 7.39
CA ILE A 69 0.16 -2.97 8.81
C ILE A 69 1.46 -2.48 9.43
N SER A 70 1.39 -2.04 10.67
CA SER A 70 2.55 -1.44 11.33
C SER A 70 2.27 -1.42 12.84
N ARG A 71 3.26 -0.95 13.60
CA ARG A 71 3.11 -0.92 15.04
C ARG A 71 4.01 0.15 15.62
N ASP A 72 3.69 0.56 16.84
CA ASP A 72 4.52 1.44 17.63
C ASP A 72 4.84 0.69 18.91
N ASN A 73 6.11 0.25 19.07
CA ASN A 73 6.43 -0.60 20.20
C ASN A 73 6.28 0.16 21.51
N SER A 74 6.58 1.46 21.51
CA SER A 74 6.47 2.25 22.74
C SER A 74 5.02 2.42 23.20
N LYS A 75 4.06 2.43 22.28
CA LYS A 75 2.65 2.52 22.63
C LYS A 75 1.98 1.15 22.72
N ASN A 76 2.75 0.07 22.51
CA ASN A 76 2.22 -1.29 22.42
C ASN A 76 0.94 -1.34 21.59
N THR A 77 0.98 -0.73 20.41
CA THR A 77 -0.19 -0.61 19.56
C THR A 77 0.11 -1.02 18.14
N LEU A 78 -0.85 -1.77 17.57
CA LEU A 78 -0.82 -2.22 16.18
C LEU A 78 -1.70 -1.29 15.33
N TYR A 79 -1.28 -1.04 14.09
CA TYR A 79 -2.04 -0.15 13.21
C TYR A 79 -2.35 -0.83 11.88
N LEU A 80 -3.44 -0.37 11.26
CA LEU A 80 -3.76 -0.73 9.88
C LEU A 80 -4.07 0.56 9.12
N GLN A 81 -3.19 0.93 8.20
CA GLN A 81 -3.40 2.06 7.31
C GLN A 81 -4.10 1.53 6.06
N MET A 82 -5.29 2.06 5.79
CA MET A 82 -6.12 1.58 4.69
C MET A 82 -6.32 2.67 3.67
N ASN A 83 -5.65 2.54 2.53
CA ASN A 83 -5.72 3.51 1.45
C ASN A 83 -6.56 2.98 0.29
N SER A 84 -6.93 3.91 -0.59
CA SER A 84 -7.71 3.62 -1.80
C SER A 84 -8.88 2.69 -1.49
N LEU A 85 -9.69 3.13 -0.53
CA LEU A 85 -10.78 2.29 -0.05
C LEU A 85 -11.88 2.14 -1.09
N ARG A 86 -12.49 0.95 -1.10
CA ARG A 86 -13.57 0.60 -2.00
C ARG A 86 -14.76 0.14 -1.16
N ALA A 87 -15.92 0.13 -1.81
CA ALA A 87 -17.15 -0.34 -1.14
C ALA A 87 -16.95 -1.70 -0.50
N GLU A 88 -16.23 -2.60 -1.16
CA GLU A 88 -16.05 -3.96 -0.66
C GLU A 88 -15.13 -4.03 0.55
N ASP A 89 -14.50 -2.93 0.96
CA ASP A 89 -13.73 -2.93 2.20
C ASP A 89 -14.62 -2.71 3.42
N THR A 90 -15.90 -2.41 3.21
CA THR A 90 -16.84 -2.28 4.32
C THR A 90 -16.85 -3.53 5.19
N ALA A 91 -16.60 -3.35 6.49
CA ALA A 91 -16.49 -4.52 7.37
C ALA A 91 -16.24 -4.03 8.79
N VAL A 92 -16.55 -4.89 9.75
CA VAL A 92 -15.99 -4.78 11.09
C VAL A 92 -14.56 -5.33 11.03
N TYR A 93 -13.60 -4.54 11.50
CA TYR A 93 -12.19 -4.89 11.47
C TYR A 93 -11.78 -5.28 12.89
N TYR A 94 -11.20 -6.46 13.04
CA TYR A 94 -10.74 -7.01 14.30
C TYR A 94 -9.22 -7.12 14.27
N CYS A 95 -8.57 -6.74 15.35
CA CYS A 95 -7.20 -7.21 15.47
C CYS A 95 -7.21 -8.51 16.27
N ALA A 96 -6.16 -9.30 16.09
CA ALA A 96 -6.06 -10.58 16.79
C ALA A 96 -4.59 -10.97 16.85
N ARG A 97 -4.25 -11.73 17.89
CA ARG A 97 -2.92 -12.27 18.01
C ARG A 97 -2.88 -13.64 17.35
N GLY A 98 -1.79 -13.90 16.63
CA GLY A 98 -1.64 -15.08 15.83
C GLY A 98 -1.54 -14.74 14.35
N ASP A 99 -1.16 -15.75 13.57
CA ASP A 99 -1.21 -15.62 12.12
C ASP A 99 -2.36 -16.42 11.52
N GLY A 100 -3.16 -17.08 12.34
CA GLY A 100 -4.35 -17.77 11.88
C GLY A 100 -4.15 -19.24 11.61
N TRP A 101 -2.91 -19.73 11.65
CA TRP A 101 -2.70 -21.16 11.48
C TRP A 101 -1.60 -21.74 12.37
N GLU A 102 -0.51 -21.04 12.52
CA GLU A 102 0.59 -21.47 13.39
C GLU A 102 1.38 -20.23 13.78
N PRO A 103 1.01 -19.53 14.88
CA PRO A 103 -0.03 -19.89 15.85
C PRO A 103 -1.43 -19.40 15.48
N PRO A 104 -2.47 -20.05 16.01
CA PRO A 104 -3.84 -19.70 15.63
C PRO A 104 -4.26 -18.35 16.23
N PHE A 105 -5.40 -17.84 15.75
CA PHE A 105 -5.93 -16.57 16.28
C PHE A 105 -6.55 -16.87 17.64
N ASP A 106 -5.75 -16.81 18.72
CA ASP A 106 -6.27 -17.18 20.03
C ASP A 106 -6.91 -16.02 20.78
N PHE A 107 -6.53 -14.79 20.46
CA PHE A 107 -6.99 -13.65 21.25
C PHE A 107 -7.38 -12.55 20.30
N TRP A 108 -8.54 -11.94 20.55
CA TRP A 108 -9.19 -11.07 19.60
C TRP A 108 -9.59 -9.75 20.26
N GLY A 109 -9.58 -8.68 19.46
CA GLY A 109 -10.15 -7.41 19.88
C GLY A 109 -11.66 -7.44 19.78
N GLN A 110 -12.25 -6.26 19.94
CA GLN A 110 -13.70 -6.11 19.98
C GLN A 110 -14.31 -5.82 18.61
N GLY A 111 -13.51 -5.35 17.66
CA GLY A 111 -13.99 -4.96 16.35
C GLY A 111 -14.34 -3.50 16.30
N THR A 112 -14.20 -2.92 15.10
CA THR A 112 -14.62 -1.55 14.84
C THR A 112 -15.12 -1.50 13.42
N LEU A 113 -16.22 -0.78 13.21
CA LEU A 113 -16.88 -0.76 11.91
C LEU A 113 -16.26 0.28 10.99
N VAL A 114 -15.98 -0.12 9.74
CA VAL A 114 -15.55 0.76 8.67
C VAL A 114 -16.56 0.60 7.53
N THR A 115 -17.13 1.70 7.08
CA THR A 115 -18.14 1.70 6.02
C THR A 115 -17.63 2.57 4.87
N VAL A 116 -17.57 1.98 3.68
CA VAL A 116 -17.18 2.68 2.46
C VAL A 116 -18.38 2.65 1.55
N SER A 117 -18.88 3.83 1.21
CA SER A 117 -20.21 3.94 0.65
C SER A 117 -20.30 3.36 -0.76
N ALA A 140 -11.62 -22.46 -1.80
CA ALA A 140 -12.42 -21.98 -0.68
C ALA A 140 -12.82 -23.17 0.17
N LEU A 141 -13.40 -22.88 1.33
CA LEU A 141 -13.89 -23.89 2.26
C LEU A 141 -15.41 -23.82 2.30
N THR A 142 -16.04 -24.96 2.09
CA THR A 142 -17.49 -25.04 1.95
C THR A 142 -18.06 -25.58 3.26
N GLN A 143 -18.87 -24.77 3.93
CA GLN A 143 -19.64 -25.19 5.09
C GLN A 143 -21.13 -25.12 4.75
N PRO A 144 -21.96 -25.95 5.37
CA PRO A 144 -23.41 -25.82 5.20
C PRO A 144 -23.89 -24.52 5.80
N PRO A 145 -24.86 -23.83 5.18
CA PRO A 145 -25.28 -22.53 5.73
C PRO A 145 -25.85 -22.64 7.12
N SER A 146 -26.47 -23.78 7.44
CA SER A 146 -27.13 -23.92 8.73
C SER A 146 -27.04 -25.37 9.20
N ALA A 147 -27.31 -25.54 10.50
CA ALA A 147 -27.32 -26.82 11.17
C ALA A 147 -28.17 -26.67 12.41
N SER A 148 -28.77 -27.77 12.86
CA SER A 148 -29.50 -27.74 14.11
C SER A 148 -29.30 -29.05 14.85
N GLY A 149 -29.57 -29.01 16.15
CA GLY A 149 -29.59 -30.21 16.98
C GLY A 149 -30.50 -29.94 18.15
N SER A 150 -30.77 -31.00 18.93
CA SER A 150 -31.61 -30.85 20.09
C SER A 150 -30.79 -30.79 21.36
N PRO A 151 -31.35 -30.22 22.43
CA PRO A 151 -30.56 -30.01 23.65
C PRO A 151 -30.03 -31.31 24.23
N GLY A 152 -28.79 -31.27 24.70
CA GLY A 152 -28.08 -32.44 25.15
C GLY A 152 -27.62 -33.37 24.05
N GLN A 153 -28.01 -33.13 22.82
CA GLN A 153 -27.62 -34.00 21.72
C GLN A 153 -26.48 -33.36 20.97
N SER A 154 -26.20 -33.85 19.77
CA SER A 154 -25.02 -33.44 19.04
C SER A 154 -25.39 -32.92 17.67
N VAL A 155 -24.44 -32.18 17.10
CA VAL A 155 -24.52 -31.69 15.73
C VAL A 155 -23.09 -31.73 15.18
N ARG A 156 -22.98 -31.99 13.89
CA ARG A 156 -21.71 -32.05 13.18
C ARG A 156 -21.69 -30.96 12.12
N ILE A 157 -20.73 -30.05 12.23
CA ILE A 157 -20.55 -28.98 11.26
C ILE A 157 -19.39 -29.35 10.35
N SER A 158 -19.65 -29.46 9.04
CA SER A 158 -18.61 -29.85 8.10
C SER A 158 -17.98 -28.66 7.40
N CYS A 159 -16.77 -28.89 6.90
CA CYS A 159 -15.95 -27.84 6.28
C CYS A 159 -15.11 -28.54 5.22
N THR A 160 -15.47 -28.37 3.96
CA THR A 160 -14.87 -29.14 2.89
C THR A 160 -13.88 -28.26 2.13
N GLY A 161 -12.62 -28.69 2.09
CA GLY A 161 -11.60 -27.99 1.34
C GLY A 161 -11.05 -28.84 0.24
N THR A 162 -9.75 -28.70 -0.03
CA THR A 162 -9.08 -29.49 -1.07
C THR A 162 -7.86 -30.18 -0.47
N SER A 163 -7.08 -30.88 -1.31
CA SER A 163 -5.85 -31.48 -0.81
C SER A 163 -4.76 -30.46 -0.55
N SER A 164 -4.87 -29.22 -1.04
CA SER A 164 -3.86 -28.23 -0.72
C SER A 164 -4.17 -27.43 0.54
N ASP A 165 -5.30 -27.66 1.20
CA ASP A 165 -5.58 -27.02 2.47
C ASP A 165 -6.04 -28.04 3.50
N VAL A 166 -7.36 -28.15 3.74
CA VAL A 166 -7.86 -29.04 4.78
C VAL A 166 -7.27 -30.44 4.64
N GLY A 167 -7.16 -30.93 3.42
CA GLY A 167 -6.71 -32.29 3.22
C GLY A 167 -5.22 -32.48 3.11
N GLY A 168 -4.44 -31.42 3.25
CA GLY A 168 -3.00 -31.54 3.06
C GLY A 168 -2.16 -31.34 4.31
N HIS A 169 -2.76 -30.88 5.39
CA HIS A 169 -2.03 -30.57 6.62
C HIS A 169 -3.04 -30.51 7.76
N ASN A 170 -2.57 -30.19 8.96
CA ASN A 170 -3.44 -30.12 10.14
C ASN A 170 -3.66 -28.69 10.64
N PHE A 171 -3.46 -27.70 9.81
CA PHE A 171 -3.61 -26.31 10.22
C PHE A 171 -5.04 -25.80 10.01
N VAL A 172 -5.97 -26.51 10.64
CA VAL A 172 -7.39 -26.19 10.57
C VAL A 172 -7.84 -25.69 11.95
N SER A 173 -8.53 -24.56 11.98
CA SER A 173 -9.12 -24.05 13.21
C SER A 173 -10.63 -23.91 13.08
N TRP A 174 -11.29 -23.80 14.23
CA TRP A 174 -12.72 -23.56 14.30
C TRP A 174 -12.99 -22.42 15.24
N PHE A 175 -13.91 -21.54 14.86
CA PHE A 175 -14.32 -20.39 15.65
C PHE A 175 -15.81 -20.41 15.90
N GLN A 176 -16.19 -19.99 17.10
CA GLN A 176 -17.57 -19.71 17.48
C GLN A 176 -17.76 -18.19 17.53
N GLN A 177 -18.86 -17.70 17.00
CA GLN A 177 -19.11 -16.26 17.06
C GLN A 177 -20.56 -15.97 17.42
N HIS A 178 -20.74 -15.27 18.52
CA HIS A 178 -22.06 -14.84 18.92
C HIS A 178 -22.34 -13.44 18.37
N PRO A 179 -23.61 -13.07 18.26
CA PRO A 179 -23.94 -11.73 17.71
C PRO A 179 -23.26 -10.62 18.50
N GLY A 180 -22.67 -9.68 17.77
CA GLY A 180 -22.05 -8.51 18.36
C GLY A 180 -20.74 -8.76 19.06
N LYS A 181 -20.20 -9.97 18.95
CA LYS A 181 -18.94 -10.29 19.60
C LYS A 181 -17.91 -10.78 18.58
N ALA A 182 -16.66 -10.72 18.99
CA ALA A 182 -15.58 -11.25 18.17
C ALA A 182 -15.63 -12.77 18.13
N PRO A 183 -15.08 -13.37 17.06
CA PRO A 183 -14.92 -14.83 17.04
C PRO A 183 -14.09 -15.29 18.23
N LYS A 184 -14.34 -16.53 18.64
CA LYS A 184 -13.62 -17.17 19.73
C LYS A 184 -13.04 -18.47 19.21
N LEU A 185 -11.73 -18.67 19.42
CA LEU A 185 -11.06 -19.88 18.99
C LEU A 185 -11.57 -21.07 19.79
N MET A 186 -12.10 -22.07 19.10
CA MET A 186 -12.67 -23.25 19.74
C MET A 186 -11.80 -24.49 19.52
N ILE A 187 -11.22 -24.62 18.33
CA ILE A 187 -10.38 -25.76 17.94
C ILE A 187 -9.22 -25.20 17.12
N TYR A 188 -8.00 -25.69 17.38
CA TYR A 188 -6.90 -25.44 16.46
C TYR A 188 -6.19 -26.76 16.18
N GLU A 189 -5.43 -26.77 15.08
CA GLU A 189 -4.65 -27.94 14.66
C GLU A 189 -5.56 -29.17 14.59
N VAL A 190 -6.70 -28.97 13.95
CA VAL A 190 -7.74 -29.97 13.66
C VAL A 190 -8.55 -30.34 14.90
N SER A 191 -7.87 -30.66 16.00
CA SER A 191 -8.56 -31.26 17.13
C SER A 191 -8.15 -30.74 18.48
N LYS A 192 -7.26 -29.77 18.55
CA LYS A 192 -6.79 -29.27 19.85
C LYS A 192 -7.74 -28.20 20.38
N ARG A 193 -8.01 -28.26 21.69
CA ARG A 193 -8.88 -27.26 22.29
C ARG A 193 -8.05 -26.25 23.08
N PRO A 194 -8.30 -24.96 22.91
CA PRO A 194 -7.66 -23.97 23.78
C PRO A 194 -8.09 -24.18 25.22
N SER A 195 -7.27 -23.70 26.15
CA SER A 195 -7.63 -23.79 27.55
C SER A 195 -9.01 -23.20 27.79
N GLY A 196 -9.81 -23.91 28.57
CA GLY A 196 -11.11 -23.43 28.97
C GLY A 196 -12.26 -23.79 28.05
N VAL A 197 -11.98 -24.22 26.83
CA VAL A 197 -13.05 -24.59 25.91
C VAL A 197 -13.62 -25.94 26.34
N PRO A 198 -14.95 -26.08 26.47
CA PRO A 198 -15.52 -27.36 26.93
C PRO A 198 -15.13 -28.51 26.01
N ASP A 199 -14.89 -29.66 26.60
CA ASP A 199 -14.51 -30.81 25.78
C ASP A 199 -15.68 -31.41 25.00
N ARG A 200 -16.89 -30.85 25.11
CA ARG A 200 -17.94 -31.26 24.20
C ARG A 200 -17.85 -30.54 22.85
N PHE A 201 -16.80 -29.76 22.64
CA PHE A 201 -16.43 -29.24 21.33
C PHE A 201 -15.24 -30.04 20.81
N SER A 202 -15.43 -30.74 19.70
CA SER A 202 -14.47 -31.72 19.24
C SER A 202 -14.25 -31.54 17.76
N GLY A 203 -12.98 -31.50 17.36
CA GLY A 203 -12.61 -31.30 15.97
C GLY A 203 -12.00 -32.56 15.39
N SER A 204 -12.30 -32.81 14.12
CA SER A 204 -11.74 -33.96 13.42
C SER A 204 -11.67 -33.65 11.93
N LYS A 205 -11.20 -34.63 11.18
CA LYS A 205 -10.93 -34.46 9.76
C LYS A 205 -10.92 -35.83 9.13
N SER A 206 -11.63 -35.96 8.01
CA SER A 206 -11.58 -37.14 7.17
C SER A 206 -11.39 -36.67 5.74
N GLY A 207 -10.35 -37.16 5.07
CA GLY A 207 -10.05 -36.68 3.74
C GLY A 207 -9.97 -35.16 3.71
N ASN A 208 -10.66 -34.56 2.75
CA ASN A 208 -10.62 -33.11 2.57
C ASN A 208 -11.65 -32.38 3.40
N THR A 209 -12.32 -33.04 4.34
CA THR A 209 -13.43 -32.46 5.08
C THR A 209 -13.14 -32.49 6.57
N ALA A 210 -13.10 -31.31 7.17
CA ALA A 210 -13.01 -31.15 8.61
C ALA A 210 -14.42 -31.10 9.20
N SER A 211 -14.53 -31.51 10.45
CA SER A 211 -15.81 -31.51 11.14
C SER A 211 -15.66 -31.02 12.56
N LEU A 212 -16.54 -30.10 12.94
CA LEU A 212 -16.70 -29.67 14.32
C LEU A 212 -17.92 -30.40 14.86
N THR A 213 -17.72 -31.23 15.86
CA THR A 213 -18.82 -31.92 16.54
C THR A 213 -19.06 -31.25 17.88
N VAL A 214 -20.25 -30.69 18.05
CA VAL A 214 -20.69 -30.10 19.30
C VAL A 214 -21.69 -31.07 19.92
N SER A 215 -21.34 -31.63 21.06
CA SER A 215 -22.25 -32.52 21.77
C SER A 215 -22.75 -31.84 23.03
N GLY A 216 -23.70 -32.49 23.68
CA GLY A 216 -24.31 -31.93 24.88
C GLY A 216 -24.90 -30.56 24.64
N LEU A 217 -25.59 -30.37 23.51
CA LEU A 217 -25.91 -29.03 23.04
C LEU A 217 -26.71 -28.24 24.08
N GLN A 218 -26.34 -26.97 24.24
CA GLN A 218 -26.94 -26.02 25.18
C GLN A 218 -27.40 -24.82 24.39
N ALA A 219 -28.41 -24.14 24.92
CA ALA A 219 -28.96 -22.96 24.25
C ALA A 219 -27.86 -22.01 23.83
N GLU A 220 -26.85 -21.83 24.67
CA GLU A 220 -25.79 -20.87 24.39
C GLU A 220 -24.93 -21.26 23.20
N ASP A 221 -25.04 -22.51 22.71
CA ASP A 221 -24.27 -22.94 21.55
C ASP A 221 -24.82 -22.33 20.26
N GLU A 222 -26.01 -21.76 20.32
CA GLU A 222 -26.59 -21.06 19.18
C GLU A 222 -25.65 -19.94 18.80
N ALA A 223 -25.15 -19.96 17.58
CA ALA A 223 -24.07 -19.08 17.18
C ALA A 223 -23.71 -19.44 15.75
N ASP A 224 -22.86 -18.62 15.14
CA ASP A 224 -22.25 -18.97 13.87
C ASP A 224 -20.88 -19.60 14.13
N TYR A 225 -20.54 -20.58 13.31
CA TYR A 225 -19.30 -21.33 13.43
C TYR A 225 -18.55 -21.25 12.12
N TYR A 226 -17.25 -20.97 12.21
CA TYR A 226 -16.39 -20.84 11.04
C TYR A 226 -15.22 -21.80 11.14
N CYS A 227 -14.92 -22.46 10.04
CA CYS A 227 -13.63 -23.13 9.91
C CYS A 227 -12.63 -22.23 9.19
N SER A 228 -11.35 -22.54 9.39
CA SER A 228 -10.24 -21.83 8.80
C SER A 228 -9.16 -22.83 8.46
N SER A 229 -8.44 -22.57 7.37
CA SER A 229 -7.30 -23.39 6.99
C SER A 229 -6.28 -22.56 6.23
N TYR A 230 -5.01 -22.68 6.64
CA TYR A 230 -3.90 -22.26 5.79
C TYR A 230 -4.02 -22.94 4.44
N ALA A 231 -3.66 -22.21 3.38
CA ALA A 231 -3.82 -22.72 2.03
C ALA A 231 -2.55 -22.58 1.21
N GLY A 232 -1.41 -22.36 1.86
CA GLY A 232 -0.16 -22.21 1.15
C GLY A 232 0.02 -20.80 0.62
N SER A 233 1.27 -20.49 0.27
CA SER A 233 1.60 -19.18 -0.29
C SER A 233 0.96 -18.04 0.50
N ASN A 234 1.06 -18.11 1.82
CA ASN A 234 0.55 -17.07 2.71
C ASN A 234 -0.91 -16.70 2.41
N ASN A 235 -1.69 -17.69 2.06
CA ASN A 235 -3.12 -17.59 1.90
C ASN A 235 -3.80 -18.28 3.08
N LEU A 236 -4.64 -17.53 3.78
CA LEU A 236 -5.44 -18.06 4.88
C LEU A 236 -6.89 -18.05 4.47
N LEU A 237 -7.54 -19.20 4.55
CA LEU A 237 -8.92 -19.38 4.09
C LEU A 237 -9.85 -19.51 5.29
N PHE A 238 -11.03 -18.94 5.17
CA PHE A 238 -12.13 -19.13 6.11
C PHE A 238 -13.30 -19.75 5.37
N GLY A 239 -14.03 -20.64 6.04
CA GLY A 239 -15.30 -21.07 5.52
C GLY A 239 -16.33 -19.96 5.59
N GLY A 240 -17.46 -20.19 4.93
CA GLY A 240 -18.52 -19.19 4.83
C GLY A 240 -19.40 -19.08 6.06
N GLY A 241 -19.26 -19.99 7.02
CA GLY A 241 -20.04 -19.92 8.23
C GLY A 241 -21.23 -20.84 8.23
N THR A 242 -21.53 -21.40 9.40
CA THR A 242 -22.70 -22.21 9.65
C THR A 242 -23.44 -21.62 10.84
N LYS A 243 -24.72 -21.32 10.65
CA LYS A 243 -25.57 -20.88 11.76
C LYS A 243 -26.14 -22.09 12.47
N LEU A 244 -25.84 -22.24 13.76
CA LEU A 244 -26.31 -23.38 14.54
C LEU A 244 -27.55 -22.98 15.33
N THR A 245 -28.65 -23.69 15.11
CA THR A 245 -29.87 -23.56 15.88
C THR A 245 -30.00 -24.75 16.83
N VAL A 246 -30.33 -24.45 18.08
CA VAL A 246 -30.63 -25.49 19.06
C VAL A 246 -32.14 -25.49 19.23
N LEU A 247 -32.79 -26.56 18.82
CA LEU A 247 -34.24 -26.59 18.79
C LEU A 247 -34.81 -27.37 19.95
N LEU B 2 38.12 -35.82 -6.18
CA LEU B 2 36.69 -35.52 -6.37
C LEU B 2 36.03 -34.99 -5.10
N CYS B 3 35.29 -33.90 -5.24
CA CYS B 3 34.65 -33.27 -4.10
C CYS B 3 33.59 -34.20 -3.52
N PRO B 4 33.51 -34.32 -2.19
CA PRO B 4 32.56 -35.27 -1.58
C PRO B 4 31.13 -34.73 -1.51
N PHE B 5 30.58 -34.39 -2.66
CA PHE B 5 29.20 -33.89 -2.67
C PHE B 5 28.23 -34.96 -2.20
N GLY B 6 28.49 -36.22 -2.56
CA GLY B 6 27.64 -37.32 -2.10
C GLY B 6 27.44 -37.32 -0.61
N GLU B 7 28.49 -37.00 0.15
CA GLU B 7 28.40 -36.93 1.60
C GLU B 7 27.33 -35.94 2.04
N VAL B 8 27.10 -34.89 1.25
CA VAL B 8 26.15 -33.85 1.62
C VAL B 8 24.78 -34.27 1.10
N PHE B 9 24.70 -34.54 -0.20
CA PHE B 9 23.40 -34.73 -0.85
C PHE B 9 22.75 -36.05 -0.47
N ASN B 10 23.55 -37.08 -0.19
CA ASN B 10 23.04 -38.40 0.11
C ASN B 10 23.19 -38.78 1.57
N ALA B 11 23.38 -37.80 2.45
CA ALA B 11 23.44 -38.07 3.88
C ALA B 11 22.13 -38.73 4.34
N THR B 12 22.26 -39.63 5.31
CA THR B 12 21.08 -40.35 5.79
C THR B 12 20.12 -39.42 6.49
N ARG B 13 20.64 -38.57 7.37
CA ARG B 13 19.82 -37.58 8.05
C ARG B 13 20.28 -36.20 7.60
N PHE B 14 19.31 -35.29 7.52
CA PHE B 14 19.56 -33.88 7.28
C PHE B 14 19.29 -33.14 8.59
N ALA B 15 19.89 -31.98 8.71
CA ALA B 15 19.68 -31.10 9.84
C ALA B 15 18.28 -30.49 9.81
N SER B 16 17.78 -30.14 10.99
CA SER B 16 16.65 -29.22 11.06
C SER B 16 17.07 -27.84 10.55
N VAL B 17 16.13 -27.12 9.95
CA VAL B 17 16.50 -25.83 9.34
C VAL B 17 17.02 -24.87 10.40
N TYR B 18 16.43 -24.87 11.60
CA TYR B 18 16.92 -23.93 12.62
C TYR B 18 18.37 -24.24 13.02
N ALA B 19 18.76 -25.51 12.96
CA ALA B 19 20.13 -25.94 13.23
C ALA B 19 20.83 -26.36 11.94
N TRP B 20 20.66 -25.57 10.88
CA TRP B 20 21.14 -25.97 9.57
C TRP B 20 22.62 -26.33 9.61
N ASN B 21 22.95 -27.38 8.88
CA ASN B 21 24.32 -27.87 8.83
C ASN B 21 25.10 -27.13 7.74
N ARG B 22 26.38 -26.87 8.01
CA ARG B 22 27.28 -26.34 7.00
C ARG B 22 28.49 -27.26 6.83
N LYS B 23 28.75 -27.67 5.59
CA LYS B 23 29.92 -28.48 5.28
C LYS B 23 30.88 -27.66 4.44
N ARG B 24 32.15 -27.62 4.87
CA ARG B 24 33.20 -26.97 4.08
C ARG B 24 33.80 -27.97 3.13
N ILE B 25 33.87 -27.60 1.85
CA ILE B 25 34.40 -28.46 0.80
C ILE B 25 35.64 -27.76 0.25
N SER B 26 36.75 -28.49 0.15
CA SER B 26 37.98 -27.89 -0.32
C SER B 26 38.92 -28.96 -0.83
N ASN B 27 39.98 -28.51 -1.50
CA ASN B 27 41.03 -29.37 -2.04
C ASN B 27 40.45 -30.52 -2.86
N CYS B 28 39.76 -30.16 -3.94
CA CYS B 28 39.07 -31.17 -4.74
C CYS B 28 38.56 -30.57 -6.04
N VAL B 29 38.26 -31.45 -6.99
CA VAL B 29 37.66 -31.06 -8.25
C VAL B 29 36.17 -31.32 -8.18
N ALA B 30 35.39 -30.36 -8.64
CA ALA B 30 33.94 -30.37 -8.54
C ALA B 30 33.37 -30.32 -9.94
N ASP B 31 32.57 -31.31 -10.31
CA ASP B 31 31.90 -31.26 -11.60
C ASP B 31 30.42 -30.98 -11.30
N TYR B 32 30.03 -29.72 -11.51
CA TYR B 32 28.68 -29.27 -11.19
C TYR B 32 27.67 -29.59 -12.29
N SER B 33 28.12 -29.87 -13.51
CA SER B 33 27.21 -30.42 -14.51
C SER B 33 26.77 -31.82 -14.10
N VAL B 34 27.71 -32.67 -13.69
CA VAL B 34 27.34 -33.97 -13.14
C VAL B 34 26.42 -33.81 -11.95
N LEU B 35 26.72 -32.86 -11.07
CA LEU B 35 25.83 -32.55 -9.96
C LEU B 35 24.44 -32.17 -10.45
N TYR B 36 24.36 -31.28 -11.42
CA TYR B 36 23.04 -30.86 -11.92
C TYR B 36 22.26 -32.05 -12.42
N ASN B 37 22.88 -32.85 -13.30
CA ASN B 37 22.21 -34.02 -13.85
C ASN B 37 22.21 -35.22 -12.93
N SER B 38 22.69 -35.09 -11.70
CA SER B 38 22.87 -36.26 -10.86
C SER B 38 21.55 -36.82 -10.36
N ALA B 39 20.53 -35.98 -10.19
CA ALA B 39 19.22 -36.50 -9.82
C ALA B 39 18.14 -35.59 -10.36
N SER B 40 16.89 -35.98 -10.12
CA SER B 40 15.74 -35.11 -10.36
C SER B 40 15.63 -34.23 -9.13
N PHE B 41 16.16 -33.01 -9.24
CA PHE B 41 15.90 -31.96 -8.28
C PHE B 41 14.71 -31.16 -8.78
N SER B 42 13.81 -30.81 -7.86
CA SER B 42 12.70 -29.95 -8.23
C SER B 42 13.09 -28.47 -8.24
N THR B 43 14.12 -28.11 -7.49
CA THR B 43 14.69 -26.78 -7.51
C THR B 43 16.18 -26.90 -7.76
N PHE B 44 16.68 -26.10 -8.70
CA PHE B 44 18.13 -25.97 -8.95
C PHE B 44 18.33 -24.59 -9.54
N LYS B 45 18.41 -23.59 -8.67
CA LYS B 45 18.48 -22.20 -9.09
C LYS B 45 19.80 -21.61 -8.61
N CYS B 46 20.59 -21.11 -9.55
CA CYS B 46 21.85 -20.44 -9.28
C CYS B 46 21.67 -18.93 -9.49
N TYR B 47 22.33 -18.15 -8.64
CA TYR B 47 22.22 -16.70 -8.60
C TYR B 47 23.59 -16.13 -8.94
N GLY B 48 23.65 -15.37 -10.02
CA GLY B 48 24.89 -14.75 -10.46
C GLY B 48 25.90 -15.68 -11.10
N VAL B 49 25.61 -16.98 -11.15
CA VAL B 49 26.53 -17.97 -11.70
C VAL B 49 25.69 -18.99 -12.46
N SER B 50 26.34 -19.71 -13.38
CA SER B 50 25.70 -20.80 -14.08
C SER B 50 26.42 -22.10 -13.77
N PRO B 51 25.68 -23.19 -13.51
CA PRO B 51 26.37 -24.47 -13.27
C PRO B 51 27.32 -24.86 -14.40
N THR B 52 26.97 -24.55 -15.65
CA THR B 52 27.91 -24.87 -16.73
C THR B 52 29.16 -23.99 -16.63
N LYS B 53 29.00 -22.73 -16.24
CA LYS B 53 30.16 -21.86 -16.07
C LYS B 53 30.87 -22.07 -14.73
N LEU B 54 30.21 -22.70 -13.75
CA LEU B 54 30.89 -23.06 -12.52
C LEU B 54 32.03 -24.05 -12.79
N ASN B 55 31.91 -24.83 -13.86
CA ASN B 55 32.92 -25.83 -14.18
C ASN B 55 34.24 -25.22 -14.64
N ASP B 56 34.25 -23.94 -14.99
CA ASP B 56 35.48 -23.30 -15.44
C ASP B 56 35.98 -22.25 -14.44
N LEU B 57 35.52 -22.33 -13.19
CA LEU B 57 35.93 -21.41 -12.14
C LEU B 57 36.61 -22.19 -11.02
N CYS B 58 37.42 -21.48 -10.24
CA CYS B 58 38.10 -22.05 -9.07
C CYS B 58 37.76 -21.18 -7.85
N PHE B 59 37.67 -21.80 -6.69
CA PHE B 59 37.28 -21.11 -5.47
C PHE B 59 38.19 -21.56 -4.34
N THR B 60 38.29 -20.71 -3.31
CA THR B 60 39.09 -21.06 -2.14
C THR B 60 38.43 -22.17 -1.35
N ASN B 61 37.14 -22.04 -1.09
CA ASN B 61 36.34 -23.04 -0.41
C ASN B 61 34.95 -22.99 -1.01
N VAL B 62 34.23 -24.11 -0.95
CA VAL B 62 32.82 -24.15 -1.24
C VAL B 62 32.12 -24.57 0.04
N TYR B 63 31.00 -23.94 0.34
CA TYR B 63 30.21 -24.26 1.53
C TYR B 63 28.86 -24.82 1.06
N ALA B 64 28.47 -25.93 1.67
CA ALA B 64 27.21 -26.61 1.38
C ALA B 64 26.38 -26.60 2.65
N ASP B 65 25.32 -25.79 2.66
CA ASP B 65 24.38 -25.73 3.76
C ASP B 65 23.22 -26.64 3.44
N SER B 66 22.76 -27.42 4.41
CA SER B 66 21.73 -28.40 4.14
C SER B 66 20.79 -28.50 5.34
N PHE B 67 19.53 -28.79 5.03
CA PHE B 67 18.46 -28.81 6.02
C PHE B 67 17.18 -29.28 5.33
N VAL B 68 16.12 -29.41 6.12
CA VAL B 68 14.82 -29.83 5.66
C VAL B 68 13.79 -28.77 6.04
N ILE B 69 12.91 -28.46 5.10
CA ILE B 69 11.77 -27.56 5.29
C ILE B 69 10.57 -28.12 4.54
N ARG B 70 9.43 -27.45 4.69
CA ARG B 70 8.23 -27.76 3.93
C ARG B 70 8.39 -27.34 2.47
N GLY B 71 7.74 -28.10 1.59
CA GLY B 71 7.73 -27.71 0.18
C GLY B 71 7.29 -26.27 -0.03
N ASP B 72 6.25 -25.85 0.68
CA ASP B 72 5.71 -24.49 0.58
C ASP B 72 6.73 -23.43 0.99
N GLU B 73 7.82 -23.82 1.66
CA GLU B 73 8.80 -22.88 2.19
C GLU B 73 10.05 -22.77 1.33
N VAL B 74 10.20 -23.60 0.30
CA VAL B 74 11.43 -23.60 -0.49
C VAL B 74 11.65 -22.25 -1.17
N ARG B 75 10.58 -21.56 -1.57
CA ARG B 75 10.71 -20.25 -2.18
C ARG B 75 11.40 -19.24 -1.25
N GLN B 76 11.40 -19.50 0.05
CA GLN B 76 12.04 -18.61 1.00
C GLN B 76 13.55 -18.74 1.00
N ILE B 77 14.09 -19.80 0.37
CA ILE B 77 15.52 -20.00 0.29
C ILE B 77 15.99 -19.35 -1.00
N ALA B 78 15.92 -18.03 -1.03
CA ALA B 78 16.30 -17.22 -2.16
C ALA B 78 16.62 -15.84 -1.61
N PRO B 79 17.47 -15.07 -2.28
CA PRO B 79 17.73 -13.70 -1.81
C PRO B 79 16.46 -12.87 -1.84
N GLY B 80 16.31 -12.02 -0.82
CA GLY B 80 15.25 -11.03 -0.80
C GLY B 80 13.91 -11.51 -0.30
N GLN B 81 13.85 -12.65 0.37
CA GLN B 81 12.59 -13.24 0.76
C GLN B 81 12.33 -13.03 2.24
N THR B 82 11.08 -13.23 2.64
CA THR B 82 10.67 -13.12 4.03
C THR B 82 9.69 -14.24 4.33
N GLY B 83 9.39 -14.41 5.62
CA GLY B 83 8.62 -15.52 6.10
C GLY B 83 9.31 -16.20 7.27
N LYS B 84 8.64 -17.21 7.83
CA LYS B 84 9.16 -17.82 9.05
C LYS B 84 10.53 -18.44 8.86
N ILE B 85 10.82 -18.98 7.67
CA ILE B 85 12.11 -19.63 7.45
C ILE B 85 13.18 -18.58 7.18
N ALA B 86 12.94 -17.70 6.21
CA ALA B 86 13.90 -16.64 5.91
C ALA B 86 14.15 -15.76 7.13
N ASP B 87 13.11 -15.45 7.90
CA ASP B 87 13.26 -14.50 9.00
C ASP B 87 13.91 -15.13 10.23
N TYR B 88 13.53 -16.35 10.59
CA TYR B 88 13.91 -16.87 11.89
C TYR B 88 14.75 -18.14 11.85
N ASN B 89 15.05 -18.67 10.66
CA ASN B 89 15.73 -19.96 10.59
C ASN B 89 16.95 -19.96 9.68
N TYR B 90 16.79 -19.61 8.40
CA TYR B 90 17.91 -19.57 7.47
C TYR B 90 17.72 -18.42 6.49
N LYS B 91 18.69 -17.51 6.47
CA LYS B 91 18.59 -16.27 5.71
C LYS B 91 19.71 -16.19 4.69
N LEU B 92 19.36 -16.08 3.42
CA LEU B 92 20.33 -15.78 2.39
C LEU B 92 20.52 -14.28 2.28
N PRO B 93 21.72 -13.81 1.92
CA PRO B 93 21.91 -12.36 1.72
C PRO B 93 21.24 -11.87 0.43
N ASP B 94 20.93 -10.56 0.40
CA ASP B 94 20.37 -9.99 -0.82
C ASP B 94 21.28 -10.21 -2.02
N ASP B 95 22.60 -10.03 -1.84
CA ASP B 95 23.56 -10.19 -2.92
C ASP B 95 24.04 -11.62 -3.07
N PHE B 96 23.20 -12.60 -2.70
CA PHE B 96 23.63 -13.99 -2.74
C PHE B 96 24.12 -14.37 -4.13
N THR B 97 25.31 -14.92 -4.18
CA THR B 97 25.82 -15.63 -5.35
C THR B 97 25.98 -17.08 -4.94
N GLY B 98 25.51 -17.99 -5.75
CA GLY B 98 25.54 -19.39 -5.41
C GLY B 98 24.30 -20.07 -5.90
N CYS B 99 24.09 -21.29 -5.43
CA CYS B 99 22.98 -22.08 -5.92
C CYS B 99 22.15 -22.64 -4.78
N VAL B 100 20.87 -22.85 -5.08
CA VAL B 100 19.92 -23.45 -4.16
C VAL B 100 19.31 -24.66 -4.85
N ILE B 101 19.36 -25.81 -4.18
CA ILE B 101 18.95 -27.09 -4.76
C ILE B 101 18.00 -27.74 -3.76
N ALA B 102 16.87 -28.23 -4.25
CA ALA B 102 15.93 -28.87 -3.35
C ALA B 102 15.26 -30.03 -4.04
N TRP B 103 14.73 -30.95 -3.22
CA TRP B 103 14.03 -32.09 -3.76
C TRP B 103 13.10 -32.66 -2.72
N ASN B 104 11.99 -33.24 -3.19
CA ASN B 104 11.02 -33.82 -2.28
C ASN B 104 11.67 -34.97 -1.53
N SER B 105 11.55 -34.98 -0.20
CA SER B 105 12.14 -36.04 0.60
C SER B 105 11.10 -36.77 1.44
N ASN B 106 9.86 -36.83 0.96
CA ASN B 106 8.79 -37.50 1.70
C ASN B 106 9.15 -38.95 2.01
N ASN B 107 9.79 -39.65 1.08
CA ASN B 107 10.12 -41.06 1.26
C ASN B 107 11.13 -41.29 2.37
N LEU B 108 11.94 -40.28 2.72
CA LEU B 108 12.95 -40.42 3.75
C LEU B 108 12.61 -39.76 5.06
N ASP B 109 11.83 -38.68 5.06
CA ASP B 109 11.73 -37.82 6.22
C ASP B 109 10.34 -37.74 6.82
N SER B 110 9.34 -38.35 6.20
CA SER B 110 8.01 -38.48 6.78
C SER B 110 7.89 -39.83 7.47
N LYS B 111 7.06 -39.87 8.52
CA LYS B 111 6.75 -41.10 9.23
C LYS B 111 5.24 -41.22 9.44
N VAL B 112 4.72 -42.45 9.32
CA VAL B 112 3.35 -42.69 9.76
C VAL B 112 3.25 -42.28 11.24
N GLY B 113 2.21 -41.53 11.58
CA GLY B 113 2.14 -40.89 12.86
C GLY B 113 2.83 -39.55 12.94
N GLY B 114 3.77 -39.27 12.04
CA GLY B 114 4.47 -38.00 12.06
C GLY B 114 5.94 -38.11 12.46
N ASN B 115 6.84 -37.46 11.72
CA ASN B 115 8.23 -37.34 12.13
C ASN B 115 8.38 -36.00 12.85
N TYR B 116 8.52 -36.03 14.17
CA TYR B 116 8.65 -34.79 14.92
C TYR B 116 10.09 -34.39 15.19
N ASN B 117 11.04 -35.07 14.59
CA ASN B 117 12.45 -34.77 14.80
C ASN B 117 12.87 -33.50 14.08
N TYR B 118 12.20 -33.16 12.99
CA TYR B 118 12.54 -31.96 12.23
C TYR B 118 11.78 -30.77 12.79
N LEU B 119 12.52 -29.72 13.13
CA LEU B 119 11.98 -28.55 13.80
C LEU B 119 12.33 -27.28 13.03
N TYR B 120 11.59 -26.22 13.32
CA TYR B 120 11.97 -24.87 12.93
C TYR B 120 11.62 -23.91 14.04
N ARG B 121 12.25 -22.71 14.00
CA ARG B 121 12.00 -21.69 15.00
C ARG B 121 10.75 -20.92 14.58
N LEU B 122 9.77 -20.85 15.48
CA LEU B 122 8.54 -20.14 15.20
C LEU B 122 8.49 -18.79 15.89
N PHE B 123 9.19 -18.63 17.01
CA PHE B 123 9.17 -17.40 17.80
C PHE B 123 10.58 -16.84 17.91
N ARG B 124 10.75 -15.58 17.54
CA ARG B 124 12.03 -14.90 17.66
C ARG B 124 11.76 -13.40 17.67
N LYS B 125 12.57 -12.67 18.44
CA LYS B 125 12.33 -11.25 18.63
C LYS B 125 12.62 -10.47 17.36
N SER B 126 13.61 -10.91 16.59
CA SER B 126 14.07 -10.17 15.43
C SER B 126 14.50 -11.15 14.35
N ASN B 127 14.67 -10.62 13.15
CA ASN B 127 15.08 -11.40 12.01
C ASN B 127 16.55 -11.79 12.11
N LEU B 128 16.89 -12.91 11.47
CA LEU B 128 18.27 -13.36 11.36
C LEU B 128 19.02 -12.53 10.33
N LYS B 129 20.29 -12.29 10.60
CA LYS B 129 21.20 -11.80 9.59
C LYS B 129 21.55 -12.92 8.61
N PRO B 130 22.00 -12.57 7.42
CA PRO B 130 22.36 -13.59 6.43
C PRO B 130 23.38 -14.56 7.00
N PHE B 131 23.11 -15.85 6.82
CA PHE B 131 23.94 -16.97 7.26
C PHE B 131 24.10 -17.06 8.78
N GLU B 132 23.21 -16.41 9.53
CA GLU B 132 23.19 -16.56 10.96
C GLU B 132 22.47 -17.87 11.32
N ARG B 133 22.86 -18.42 12.47
CA ARG B 133 22.26 -19.64 13.01
C ARG B 133 21.92 -19.41 14.47
N ASP B 134 20.69 -19.73 14.85
CA ASP B 134 20.20 -19.57 16.22
C ASP B 134 19.71 -20.91 16.70
N ILE B 135 20.40 -21.47 17.70
CA ILE B 135 20.02 -22.75 18.25
C ILE B 135 19.58 -22.63 19.71
N SER B 136 19.29 -21.42 20.18
CA SER B 136 18.80 -21.28 21.54
C SER B 136 17.38 -21.81 21.65
N THR B 137 17.00 -22.22 22.87
CA THR B 137 15.66 -22.75 23.12
C THR B 137 15.05 -22.19 24.40
N GLU B 138 15.43 -20.99 24.79
CA GLU B 138 14.85 -20.39 25.98
C GLU B 138 13.35 -20.15 25.77
N ILE B 139 12.58 -20.32 26.85
CA ILE B 139 11.15 -20.07 26.74
C ILE B 139 10.95 -18.62 26.31
N TYR B 140 10.07 -18.43 25.34
CA TYR B 140 9.94 -17.15 24.62
C TYR B 140 8.86 -16.30 25.28
N GLN B 141 9.23 -15.08 25.67
CA GLN B 141 8.33 -14.21 26.40
C GLN B 141 7.53 -13.37 25.40
N ALA B 142 6.24 -13.70 25.25
CA ALA B 142 5.37 -13.02 24.31
C ALA B 142 4.48 -11.97 24.96
N GLY B 143 4.62 -11.76 26.26
CA GLY B 143 3.87 -10.75 26.96
C GLY B 143 4.72 -9.99 27.94
N SER B 144 4.10 -9.13 28.75
CA SER B 144 4.86 -8.35 29.71
C SER B 144 5.31 -9.17 30.92
N THR B 145 4.68 -10.31 31.19
CA THR B 145 5.01 -11.10 32.38
C THR B 145 6.20 -12.00 32.09
N PRO B 146 7.29 -11.92 32.87
CA PRO B 146 8.41 -12.85 32.68
C PRO B 146 7.95 -14.29 32.77
N CYS B 147 8.67 -15.16 32.05
CA CYS B 147 8.29 -16.57 32.02
C CYS B 147 9.07 -17.41 33.00
N ASN B 148 10.34 -17.06 33.25
CA ASN B 148 11.18 -17.79 34.21
C ASN B 148 11.30 -19.27 33.84
N GLY B 149 11.40 -19.56 32.54
CA GLY B 149 11.55 -20.92 32.08
C GLY B 149 10.30 -21.76 32.10
N VAL B 150 9.16 -21.18 32.47
CA VAL B 150 7.90 -21.90 32.59
C VAL B 150 7.03 -21.62 31.38
N GLU B 151 6.68 -22.70 30.66
CA GLU B 151 5.75 -22.57 29.55
C GLU B 151 4.34 -22.31 30.06
N GLY B 152 3.58 -21.57 29.27
CA GLY B 152 2.24 -21.21 29.67
C GLY B 152 1.71 -20.12 28.77
N PHE B 153 0.71 -19.40 29.27
CA PHE B 153 0.16 -18.30 28.49
C PHE B 153 1.24 -17.28 28.19
N ASN B 154 1.42 -16.97 26.91
CA ASN B 154 2.39 -15.99 26.45
C ASN B 154 3.83 -16.41 26.73
N CYS B 155 4.07 -17.67 27.05
CA CYS B 155 5.41 -18.17 27.37
C CYS B 155 5.64 -19.45 26.58
N TYR B 156 6.38 -19.36 25.48
CA TYR B 156 6.35 -20.42 24.48
C TYR B 156 7.73 -21.05 24.26
N PHE B 157 7.74 -22.39 24.16
CA PHE B 157 8.92 -23.07 23.64
C PHE B 157 9.14 -22.59 22.21
N PRO B 158 10.34 -22.11 21.85
CA PRO B 158 10.46 -21.33 20.61
C PRO B 158 10.46 -22.15 19.33
N LEU B 159 10.71 -23.45 19.42
CA LEU B 159 10.79 -24.33 18.27
C LEU B 159 9.50 -25.13 18.13
N GLN B 160 9.14 -25.42 16.90
CA GLN B 160 7.96 -26.19 16.56
C GLN B 160 8.37 -27.35 15.68
N SER B 161 7.70 -28.47 15.85
CA SER B 161 7.98 -29.62 15.03
C SER B 161 7.16 -29.56 13.75
N TYR B 162 7.76 -30.04 12.66
CA TYR B 162 7.05 -30.12 11.39
C TYR B 162 6.06 -31.28 11.40
N GLY B 163 6.43 -32.39 12.04
CA GLY B 163 5.53 -33.54 12.14
C GLY B 163 5.17 -34.16 10.81
N PHE B 164 6.13 -34.24 9.90
CA PHE B 164 5.87 -34.68 8.55
C PHE B 164 5.20 -36.05 8.50
N GLN B 165 4.08 -36.14 7.78
CA GLN B 165 3.37 -37.37 7.56
C GLN B 165 3.29 -37.71 6.09
N PRO B 166 3.42 -38.99 5.73
CA PRO B 166 3.46 -39.36 4.30
C PRO B 166 2.27 -38.91 3.50
N THR B 167 1.11 -38.78 4.15
CA THR B 167 -0.12 -38.37 3.50
C THR B 167 -0.28 -36.86 3.41
N ASN B 168 0.69 -36.08 3.90
CA ASN B 168 0.63 -34.64 3.74
C ASN B 168 0.53 -34.28 2.26
N GLY B 169 -0.13 -33.16 1.97
CA GLY B 169 -0.09 -32.63 0.61
C GLY B 169 1.32 -32.22 0.22
N VAL B 170 1.55 -32.18 -1.09
CA VAL B 170 2.92 -32.01 -1.57
C VAL B 170 3.57 -30.76 -0.99
N GLY B 171 2.82 -29.67 -0.88
CA GLY B 171 3.38 -28.45 -0.33
C GLY B 171 3.78 -28.52 1.13
N TYR B 172 3.31 -29.52 1.86
CA TYR B 172 3.58 -29.70 3.29
C TYR B 172 4.45 -30.91 3.55
N GLN B 173 4.88 -31.60 2.50
CA GLN B 173 5.83 -32.67 2.59
C GLN B 173 7.25 -32.10 2.78
N PRO B 174 8.14 -32.91 3.36
CA PRO B 174 9.52 -32.44 3.57
C PRO B 174 10.29 -32.36 2.26
N TYR B 175 11.13 -31.33 2.16
CA TYR B 175 12.03 -31.13 1.05
C TYR B 175 13.43 -30.96 1.61
N ARG B 176 14.37 -31.73 1.08
CA ARG B 176 15.77 -31.56 1.44
C ARG B 176 16.35 -30.44 0.59
N VAL B 177 17.13 -29.57 1.22
CA VAL B 177 17.66 -28.38 0.58
C VAL B 177 19.17 -28.34 0.78
N VAL B 178 19.90 -28.06 -0.30
CA VAL B 178 21.33 -27.78 -0.23
C VAL B 178 21.59 -26.43 -0.86
N VAL B 179 22.27 -25.56 -0.12
CA VAL B 179 22.70 -24.25 -0.62
C VAL B 179 24.21 -24.30 -0.79
N LEU B 180 24.69 -23.98 -1.99
CA LEU B 180 26.11 -23.90 -2.27
C LEU B 180 26.54 -22.44 -2.34
N SER B 181 27.52 -22.09 -1.50
CA SER B 181 28.17 -20.79 -1.50
C SER B 181 29.61 -20.95 -1.94
N PHE B 182 30.11 -19.98 -2.70
CA PHE B 182 31.42 -20.07 -3.33
C PHE B 182 32.30 -18.95 -2.80
N GLU B 183 33.34 -19.32 -2.07
CA GLU B 183 34.14 -18.38 -1.30
C GLU B 183 35.44 -18.08 -1.99
N LEU B 184 35.81 -16.80 -2.00
CA LEU B 184 37.08 -16.35 -2.57
C LEU B 184 37.84 -15.57 -1.52
N LEU B 185 38.91 -16.15 -1.02
CA LEU B 185 39.79 -15.55 -0.05
C LEU B 185 41.11 -15.22 -0.75
N HIS B 186 41.93 -14.44 -0.08
CA HIS B 186 43.29 -14.16 -0.54
C HIS B 186 44.17 -15.35 -0.18
N ALA B 187 44.00 -16.42 -0.94
CA ALA B 187 44.61 -17.72 -0.62
C ALA B 187 44.54 -18.58 -1.87
N PRO B 188 45.34 -19.64 -1.93
CA PRO B 188 45.31 -20.50 -3.13
C PRO B 188 43.92 -21.09 -3.32
N ALA B 189 43.55 -21.27 -4.59
CA ALA B 189 42.29 -21.93 -4.91
C ALA B 189 42.45 -23.43 -4.68
N THR B 190 41.42 -24.04 -4.08
CA THR B 190 41.45 -25.47 -3.82
C THR B 190 40.26 -26.23 -4.39
N VAL B 191 39.24 -25.55 -4.91
CA VAL B 191 38.10 -26.20 -5.54
C VAL B 191 37.95 -25.65 -6.96
N CYS B 192 38.17 -26.52 -7.95
CA CYS B 192 38.18 -26.07 -9.34
C CYS B 192 37.24 -26.86 -10.26
N GLU C 1 18.46 34.61 -18.74
CA GLU C 1 17.62 33.89 -19.75
C GLU C 1 16.82 32.81 -19.03
N VAL C 2 15.57 32.61 -19.44
CA VAL C 2 14.77 31.51 -18.92
C VAL C 2 15.08 30.27 -19.73
N ARG C 3 15.47 29.19 -19.04
CA ARG C 3 15.95 28.00 -19.70
C ARG C 3 15.74 26.80 -18.79
N LEU C 4 15.42 25.66 -19.42
CA LEU C 4 15.48 24.35 -18.77
C LEU C 4 16.30 23.45 -19.67
N VAL C 5 17.45 22.98 -19.17
CA VAL C 5 18.42 22.26 -20.01
C VAL C 5 18.64 20.87 -19.42
N GLU C 6 18.16 19.86 -20.14
CA GLU C 6 18.32 18.47 -19.71
C GLU C 6 19.63 17.85 -20.20
N SER C 7 20.03 16.78 -19.53
CA SER C 7 21.25 16.04 -19.83
C SER C 7 21.22 14.74 -19.04
N GLY C 8 22.09 13.83 -19.43
CA GLY C 8 22.17 12.53 -18.79
C GLY C 8 21.66 11.38 -19.63
N GLY C 9 20.96 11.67 -20.72
CA GLY C 9 20.49 10.61 -21.59
C GLY C 9 21.64 9.80 -22.16
N GLY C 10 21.32 8.57 -22.53
CA GLY C 10 22.27 7.72 -23.22
C GLY C 10 21.68 6.35 -23.46
N LEU C 11 22.53 5.44 -23.90
CA LEU C 11 22.16 4.05 -24.12
C LEU C 11 22.54 3.25 -22.89
N ILE C 12 21.61 2.44 -22.39
CA ILE C 12 21.80 1.69 -21.16
C ILE C 12 21.14 0.32 -21.26
N GLN C 13 21.78 -0.67 -20.64
CA GLN C 13 21.27 -2.03 -20.66
C GLN C 13 20.01 -2.15 -19.81
N PRO C 14 19.07 -3.02 -20.19
CA PRO C 14 17.93 -3.29 -19.31
C PRO C 14 18.40 -3.67 -17.92
N GLY C 15 17.69 -3.15 -16.91
CA GLY C 15 18.08 -3.33 -15.53
C GLY C 15 19.10 -2.33 -15.03
N GLY C 16 19.71 -1.57 -15.92
CA GLY C 16 20.66 -0.56 -15.51
C GLY C 16 19.97 0.64 -14.87
N SER C 17 20.77 1.69 -14.68
CA SER C 17 20.36 2.84 -13.89
C SER C 17 20.98 4.09 -14.51
N LEU C 18 20.21 5.18 -14.47
CA LEU C 18 20.60 6.43 -15.10
C LEU C 18 20.04 7.59 -14.30
N ARG C 19 20.81 8.67 -14.22
CA ARG C 19 20.38 9.91 -13.59
C ARG C 19 20.20 10.99 -14.66
N LEU C 20 19.01 11.55 -14.75
CA LEU C 20 18.78 12.71 -15.60
C LEU C 20 18.87 14.00 -14.81
N SER C 21 19.32 15.05 -15.50
CA SER C 21 19.48 16.37 -14.90
C SER C 21 18.71 17.39 -15.71
N CYS C 22 18.20 18.42 -15.03
CA CYS C 22 17.48 19.50 -15.71
C CYS C 22 17.94 20.79 -15.02
N ALA C 23 18.85 21.49 -15.67
CA ALA C 23 19.47 22.67 -15.11
C ALA C 23 18.64 23.90 -15.48
N ALA C 24 18.10 24.57 -14.48
CA ALA C 24 17.20 25.70 -14.70
C ALA C 24 17.98 27.01 -14.64
N SER C 25 17.49 27.99 -15.36
CA SER C 25 17.95 29.36 -15.17
C SER C 25 16.74 30.27 -15.12
N GLU C 26 16.81 31.25 -14.21
CA GLU C 26 15.73 32.18 -13.91
C GLU C 26 14.60 31.47 -13.16
N ILE C 27 13.98 30.46 -13.76
CA ILE C 27 13.05 29.63 -12.99
C ILE C 27 13.83 29.04 -11.83
N THR C 28 13.24 29.08 -10.63
CA THR C 28 13.86 28.53 -9.42
C THR C 28 13.22 27.17 -9.15
N VAL C 29 13.98 26.10 -9.38
CA VAL C 29 13.41 24.76 -9.25
C VAL C 29 12.77 24.57 -7.89
N SER C 30 13.43 25.02 -6.84
CA SER C 30 12.95 24.75 -5.49
C SER C 30 11.70 25.54 -5.13
N ASP C 31 11.32 26.55 -5.92
CA ASP C 31 10.13 27.33 -5.63
C ASP C 31 8.94 26.91 -6.46
N ASN C 32 9.09 25.89 -7.31
CA ASN C 32 8.09 25.59 -8.33
C ASN C 32 7.65 24.13 -8.28
N TYR C 33 6.44 23.91 -8.81
CA TYR C 33 6.06 22.59 -9.30
C TYR C 33 6.96 22.27 -10.48
N MET C 34 7.72 21.17 -10.40
CA MET C 34 8.60 20.73 -11.48
C MET C 34 8.25 19.30 -11.81
N SER C 35 8.15 18.98 -13.10
CA SER C 35 7.70 17.68 -13.53
C SER C 35 8.68 17.08 -14.53
N TRP C 36 8.65 15.76 -14.64
CA TRP C 36 9.23 15.05 -15.77
C TRP C 36 8.09 14.46 -16.60
N VAL C 37 8.23 14.59 -17.91
CA VAL C 37 7.27 14.08 -18.90
C VAL C 37 8.11 13.38 -19.96
N ARG C 38 7.72 12.18 -20.35
CA ARG C 38 8.49 11.44 -21.34
C ARG C 38 7.66 11.15 -22.57
N GLN C 39 8.37 10.76 -23.64
CA GLN C 39 7.74 10.48 -24.93
C GLN C 39 8.55 9.39 -25.60
N ALA C 40 7.98 8.19 -25.70
CA ALA C 40 8.64 7.16 -26.51
C ALA C 40 8.78 7.69 -27.94
N PRO C 41 9.89 7.36 -28.61
CA PRO C 41 10.09 7.87 -29.97
C PRO C 41 8.89 7.52 -30.87
N GLY C 42 8.35 8.54 -31.53
CA GLY C 42 7.24 8.34 -32.44
C GLY C 42 5.86 8.25 -31.80
N LYS C 43 5.77 8.31 -30.48
CA LYS C 43 4.56 8.08 -29.72
C LYS C 43 4.25 9.34 -28.92
N GLY C 44 3.34 9.22 -27.96
CA GLY C 44 2.74 10.36 -27.32
C GLY C 44 3.42 10.71 -26.00
N LEU C 45 2.85 11.71 -25.33
CA LEU C 45 3.40 12.21 -24.09
C LEU C 45 2.87 11.42 -22.89
N GLU C 46 3.71 11.29 -21.87
CA GLU C 46 3.38 10.55 -20.66
C GLU C 46 4.00 11.26 -19.47
N TRP C 47 3.17 11.69 -18.52
CA TRP C 47 3.66 12.28 -17.30
C TRP C 47 4.32 11.23 -16.40
N VAL C 48 5.46 11.59 -15.82
CA VAL C 48 6.27 10.65 -15.05
C VAL C 48 6.24 10.99 -13.56
N SER C 49 6.52 12.24 -13.21
CA SER C 49 6.70 12.62 -11.82
C SER C 49 6.60 14.13 -11.67
N VAL C 50 6.20 14.57 -10.47
CA VAL C 50 6.25 15.98 -10.12
C VAL C 50 6.84 16.12 -8.72
N LEU C 51 7.60 17.19 -8.52
CA LEU C 51 8.20 17.54 -7.25
C LEU C 51 7.63 18.90 -6.86
N TYR C 52 6.97 18.96 -5.71
CA TYR C 52 6.39 20.19 -5.20
C TYR C 52 7.46 21.08 -4.57
N SER C 53 7.15 22.38 -4.51
CA SER C 53 8.01 23.35 -3.82
C SER C 53 8.36 22.90 -2.41
N GLY C 54 7.40 22.36 -1.69
CA GLY C 54 7.59 21.98 -0.32
C GLY C 54 8.16 20.60 -0.13
N GLY C 55 8.42 19.88 -1.21
CA GLY C 55 9.08 18.60 -1.14
C GLY C 55 8.22 17.39 -1.48
N SER C 56 6.90 17.51 -1.52
CA SER C 56 6.11 16.34 -1.87
C SER C 56 6.40 15.92 -3.31
N ALA C 57 6.41 14.61 -3.54
CA ALA C 57 6.63 14.06 -4.87
C ALA C 57 5.50 13.08 -5.20
N PHE C 58 5.10 13.05 -6.46
CA PHE C 58 4.11 12.10 -6.96
C PHE C 58 4.63 11.48 -8.25
N TYR C 59 4.19 10.26 -8.52
CA TYR C 59 4.75 9.44 -9.57
C TYR C 59 3.66 8.72 -10.34
N ALA C 60 3.86 8.58 -11.65
CA ALA C 60 3.01 7.70 -12.45
C ALA C 60 3.21 6.25 -12.01
N ASP C 61 2.12 5.47 -12.06
CA ASP C 61 2.20 4.07 -11.65
C ASP C 61 3.28 3.31 -12.41
N SER C 62 3.53 3.67 -13.67
CA SER C 62 4.51 2.92 -14.46
C SER C 62 5.94 3.05 -13.93
N VAL C 63 6.23 3.99 -13.04
CA VAL C 63 7.61 4.23 -12.60
C VAL C 63 7.78 4.18 -11.11
N LYS C 64 6.72 3.95 -10.33
CA LYS C 64 6.93 3.87 -8.88
C LYS C 64 7.85 2.74 -8.49
N GLY C 65 8.52 2.92 -7.35
CA GLY C 65 9.49 1.97 -6.86
C GLY C 65 10.78 1.96 -7.63
N ARG C 66 10.85 2.61 -8.77
CA ARG C 66 12.05 2.59 -9.61
C ARG C 66 12.64 3.96 -9.90
N PHE C 67 11.82 5.01 -10.03
CA PHE C 67 12.30 6.35 -10.35
C PHE C 67 12.18 7.25 -9.11
N THR C 68 13.13 8.17 -8.97
CA THR C 68 13.08 9.15 -7.90
C THR C 68 13.34 10.53 -8.47
N ILE C 69 12.45 11.48 -8.15
CA ILE C 69 12.61 12.86 -8.56
C ILE C 69 13.20 13.61 -7.39
N SER C 70 14.09 14.54 -7.67
CA SER C 70 14.74 15.28 -6.59
C SER C 70 15.31 16.56 -7.19
N ARG C 71 15.91 17.36 -6.33
CA ARG C 71 16.55 18.58 -6.77
C ARG C 71 17.72 18.91 -5.85
N ASP C 72 18.59 19.78 -6.35
CA ASP C 72 19.67 20.39 -5.56
C ASP C 72 19.43 21.89 -5.67
N ASN C 73 18.97 22.49 -4.56
CA ASN C 73 18.55 23.89 -4.61
C ASN C 73 19.68 24.81 -5.03
N SER C 74 20.89 24.58 -4.51
CA SER C 74 22.00 25.48 -4.81
C SER C 74 22.47 25.33 -6.25
N LYS C 75 22.27 24.16 -6.87
CA LYS C 75 22.53 24.00 -8.30
C LYS C 75 21.36 24.46 -9.14
N ASN C 76 20.20 24.69 -8.54
CA ASN C 76 18.97 25.03 -9.27
C ASN C 76 18.73 24.02 -10.38
N THR C 77 18.85 22.74 -10.02
CA THR C 77 18.78 21.64 -10.96
C THR C 77 17.80 20.59 -10.42
N LEU C 78 16.97 20.08 -11.31
CA LEU C 78 16.04 18.98 -11.04
C LEU C 78 16.66 17.69 -11.55
N TYR C 79 16.39 16.59 -10.85
CA TYR C 79 16.95 15.31 -11.22
C TYR C 79 15.84 14.26 -11.34
N LEU C 80 16.09 13.26 -12.21
CA LEU C 80 15.31 12.03 -12.23
C LEU C 80 16.28 10.87 -12.13
N GLN C 81 16.22 10.15 -11.00
CA GLN C 81 17.03 8.96 -10.81
C GLN C 81 16.21 7.77 -11.29
N MET C 82 16.69 7.07 -12.31
CA MET C 82 15.97 5.96 -12.90
C MET C 82 16.73 4.67 -12.64
N ASN C 83 16.11 3.75 -11.89
CA ASN C 83 16.69 2.44 -11.63
C ASN C 83 15.84 1.38 -12.31
N SER C 84 16.40 0.17 -12.37
CA SER C 84 15.74 -1.02 -12.91
C SER C 84 15.06 -0.70 -14.24
N LEU C 85 15.85 -0.13 -15.14
CA LEU C 85 15.33 0.35 -16.41
C LEU C 85 14.88 -0.83 -17.28
N ARG C 86 13.78 -0.62 -17.99
CA ARG C 86 13.14 -1.60 -18.85
C ARG C 86 13.04 -1.01 -20.26
N ALA C 87 12.84 -1.90 -21.23
CA ALA C 87 12.72 -1.45 -22.62
C ALA C 87 11.65 -0.39 -22.78
N GLU C 88 10.55 -0.52 -22.04
CA GLU C 88 9.44 0.42 -22.16
C GLU C 88 9.80 1.82 -21.67
N ASP C 89 10.92 1.97 -20.96
CA ASP C 89 11.35 3.30 -20.53
C ASP C 89 12.08 4.09 -21.60
N THR C 90 12.37 3.48 -22.74
CA THR C 90 12.94 4.22 -23.85
C THR C 90 12.03 5.40 -24.17
N ALA C 91 12.62 6.59 -24.20
CA ALA C 91 11.83 7.79 -24.47
C ALA C 91 12.73 9.01 -24.41
N VAL C 92 12.26 10.09 -25.02
CA VAL C 92 12.79 11.40 -24.71
C VAL C 92 12.16 11.87 -23.41
N TYR C 93 12.99 12.32 -22.49
CA TYR C 93 12.55 12.77 -21.17
C TYR C 93 12.64 14.28 -21.13
N TYR C 94 11.50 14.91 -20.84
CA TYR C 94 11.38 16.36 -20.77
C TYR C 94 11.18 16.75 -19.32
N CYS C 95 11.84 17.81 -18.89
CA CYS C 95 11.45 18.51 -17.67
C CYS C 95 10.63 19.74 -18.05
N ALA C 96 9.70 20.09 -17.16
CA ALA C 96 8.75 21.16 -17.42
C ALA C 96 8.32 21.76 -16.09
N ARG C 97 8.09 23.07 -16.09
CA ARG C 97 7.59 23.74 -14.91
C ARG C 97 6.07 23.64 -14.88
N GLY C 98 5.53 23.31 -13.71
CA GLY C 98 4.11 23.07 -13.53
C GLY C 98 3.83 21.64 -13.13
N ASP C 99 2.57 21.40 -12.76
CA ASP C 99 2.14 20.03 -12.52
C ASP C 99 1.22 19.51 -13.61
N GLY C 100 0.93 20.32 -14.63
CA GLY C 100 0.19 19.85 -15.77
C GLY C 100 -1.30 20.08 -15.68
N TRP C 101 -1.81 20.55 -14.54
CA TRP C 101 -3.21 20.92 -14.49
C TRP C 101 -3.47 22.22 -13.74
N GLU C 102 -2.77 22.45 -12.63
CA GLU C 102 -2.90 23.72 -11.93
C GLU C 102 -1.69 23.87 -11.02
N PRO C 103 -0.59 24.48 -11.50
CA PRO C 103 -0.41 25.20 -12.77
C PRO C 103 -0.05 24.29 -13.96
N PRO C 104 -0.33 24.76 -15.17
CA PRO C 104 -0.06 23.94 -16.37
C PRO C 104 1.42 23.89 -16.66
N PHE C 105 1.78 23.00 -17.60
CA PHE C 105 3.16 22.88 -18.07
C PHE C 105 3.45 24.04 -19.01
N ASP C 106 3.90 25.18 -18.46
CA ASP C 106 4.01 26.37 -19.29
C ASP C 106 5.40 26.52 -19.90
N PHE C 107 6.43 25.89 -19.32
CA PHE C 107 7.78 26.03 -19.82
C PHE C 107 8.47 24.67 -19.79
N TRP C 108 9.16 24.36 -20.88
CA TRP C 108 9.64 23.02 -21.15
C TRP C 108 11.13 23.05 -21.48
N GLY C 109 11.83 21.98 -21.12
CA GLY C 109 13.18 21.77 -21.59
C GLY C 109 13.23 21.23 -23.01
N GLN C 110 14.46 21.01 -23.47
CA GLN C 110 14.75 20.49 -24.80
C GLN C 110 14.57 18.99 -24.93
N GLY C 111 14.66 18.27 -23.83
CA GLY C 111 14.55 16.82 -23.82
C GLY C 111 15.92 16.15 -23.88
N THR C 112 15.98 14.93 -23.34
CA THR C 112 17.17 14.11 -23.38
C THR C 112 16.74 12.67 -23.62
N LEU C 113 17.35 12.01 -24.59
CA LEU C 113 16.88 10.72 -25.05
C LEU C 113 17.52 9.62 -24.21
N VAL C 114 16.69 8.73 -23.66
CA VAL C 114 17.15 7.53 -22.97
C VAL C 114 16.74 6.34 -23.81
N THR C 115 17.71 5.50 -24.15
CA THR C 115 17.49 4.29 -24.94
C THR C 115 17.91 3.08 -24.13
N VAL C 116 16.93 2.23 -23.79
CA VAL C 116 17.17 1.02 -23.01
C VAL C 116 17.12 -0.17 -23.95
N SER C 117 18.27 -0.77 -24.20
CA SER C 117 18.33 -1.91 -25.10
C SER C 117 17.85 -3.18 -24.43
N ALA C 140 -8.18 6.62 -21.53
CA ALA C 140 -7.24 7.67 -21.88
C ALA C 140 -8.08 8.79 -22.47
N LEU C 141 -7.43 9.68 -23.22
CA LEU C 141 -8.12 10.71 -23.98
C LEU C 141 -7.98 10.37 -25.45
N THR C 142 -9.11 10.45 -26.17
CA THR C 142 -9.18 9.96 -27.53
C THR C 142 -9.12 11.15 -28.49
N GLN C 143 -8.02 11.24 -29.22
CA GLN C 143 -7.82 12.21 -30.27
C GLN C 143 -7.88 11.51 -31.62
N PRO C 144 -8.29 12.21 -32.67
CA PRO C 144 -8.14 11.64 -34.02
C PRO C 144 -6.66 11.55 -34.36
N PRO C 145 -6.24 10.50 -35.07
CA PRO C 145 -4.81 10.38 -35.38
C PRO C 145 -4.31 11.50 -36.25
N SER C 146 -5.15 12.01 -37.15
CA SER C 146 -4.72 13.05 -38.06
C SER C 146 -5.86 14.04 -38.30
N ALA C 147 -5.47 15.21 -38.77
CA ALA C 147 -6.41 16.24 -39.19
C ALA C 147 -5.74 17.01 -40.33
N SER C 148 -6.55 17.69 -41.12
CA SER C 148 -6.03 18.44 -42.24
C SER C 148 -6.92 19.64 -42.46
N GLY C 149 -6.37 20.65 -43.11
CA GLY C 149 -7.14 21.81 -43.50
C GLY C 149 -6.31 22.63 -44.46
N SER C 150 -6.96 23.62 -45.06
CA SER C 150 -6.32 24.40 -46.09
C SER C 150 -5.81 25.73 -45.54
N PRO C 151 -4.83 26.31 -46.20
CA PRO C 151 -4.25 27.58 -45.70
C PRO C 151 -5.33 28.65 -45.54
N GLY C 152 -5.20 29.44 -44.46
CA GLY C 152 -6.19 30.42 -44.09
C GLY C 152 -7.48 29.88 -43.55
N GLN C 153 -7.72 28.58 -43.67
CA GLN C 153 -8.94 27.99 -43.14
C GLN C 153 -8.67 27.43 -41.76
N SER C 154 -9.57 26.60 -41.27
CA SER C 154 -9.53 26.15 -39.89
C SER C 154 -9.65 24.64 -39.83
N VAL C 155 -9.26 24.12 -38.67
CA VAL C 155 -9.32 22.69 -38.37
C VAL C 155 -9.70 22.59 -36.91
N ARG C 156 -10.52 21.59 -36.60
CA ARG C 156 -10.94 21.33 -35.23
C ARG C 156 -10.43 19.96 -34.82
N ILE C 157 -9.65 19.92 -33.74
CA ILE C 157 -9.06 18.69 -33.21
C ILE C 157 -9.78 18.37 -31.91
N SER C 158 -10.45 17.23 -31.87
CA SER C 158 -11.25 16.86 -30.72
C SER C 158 -10.44 16.02 -29.73
N CYS C 159 -10.90 16.00 -28.49
CA CYS C 159 -10.23 15.28 -27.41
C CYS C 159 -11.35 14.78 -26.49
N THR C 160 -11.64 13.49 -26.57
CA THR C 160 -12.79 12.91 -25.87
C THR C 160 -12.31 12.16 -24.64
N GLY C 161 -12.76 12.62 -23.48
CA GLY C 161 -12.52 11.91 -22.24
C GLY C 161 -13.82 11.40 -21.66
N THR C 162 -13.96 11.56 -20.34
CA THR C 162 -15.13 11.10 -19.60
C THR C 162 -15.64 12.23 -18.73
N SER C 163 -16.80 12.01 -18.12
CA SER C 163 -17.34 13.01 -17.20
C SER C 163 -16.47 13.20 -15.97
N SER C 164 -15.63 12.23 -15.63
CA SER C 164 -14.78 12.41 -14.47
C SER C 164 -13.49 13.15 -14.79
N ASP C 165 -13.20 13.41 -16.06
CA ASP C 165 -12.06 14.27 -16.39
C ASP C 165 -12.49 15.46 -17.24
N VAL C 166 -12.38 15.35 -18.56
CA VAL C 166 -12.69 16.49 -19.44
C VAL C 166 -14.05 17.07 -19.12
N GLY C 167 -15.04 16.23 -18.87
CA GLY C 167 -16.37 16.72 -18.60
C GLY C 167 -16.59 17.21 -17.19
N GLY C 168 -15.65 17.03 -16.28
CA GLY C 168 -15.93 17.30 -14.88
C GLY C 168 -15.29 18.56 -14.32
N HIS C 169 -14.35 19.13 -15.05
CA HIS C 169 -13.58 20.27 -14.60
C HIS C 169 -13.02 20.98 -15.82
N ASN C 170 -12.29 22.07 -15.58
CA ASN C 170 -11.72 22.89 -16.65
C ASN C 170 -10.20 22.78 -16.76
N PHE C 171 -9.60 21.74 -16.19
CA PHE C 171 -8.14 21.58 -16.25
C PHE C 171 -7.70 20.81 -17.50
N VAL C 172 -8.00 21.39 -18.65
CA VAL C 172 -7.70 20.80 -19.95
C VAL C 172 -6.67 21.69 -20.63
N SER C 173 -5.59 21.09 -21.11
CA SER C 173 -4.54 21.82 -21.80
C SER C 173 -4.37 21.28 -23.21
N TRP C 174 -3.78 22.10 -24.07
CA TRP C 174 -3.40 21.68 -25.40
C TRP C 174 -1.95 22.07 -25.67
N PHE C 175 -1.21 21.17 -26.33
CA PHE C 175 0.20 21.35 -26.64
C PHE C 175 0.42 21.19 -28.13
N GLN C 176 1.33 22.01 -28.65
CA GLN C 176 1.83 21.89 -30.01
C GLN C 176 3.25 21.34 -29.97
N GLN C 177 3.58 20.43 -30.88
CA GLN C 177 4.92 19.87 -30.91
C GLN C 177 5.39 19.73 -32.36
N HIS C 178 6.38 20.52 -32.72
CA HIS C 178 7.04 20.37 -34.00
C HIS C 178 8.03 19.21 -33.96
N PRO C 179 8.35 18.65 -35.11
CA PRO C 179 9.23 17.46 -35.13
C PRO C 179 10.57 17.74 -34.48
N GLY C 180 10.97 16.85 -33.57
CA GLY C 180 12.26 16.97 -32.91
C GLY C 180 12.35 18.05 -31.87
N LYS C 181 11.26 18.76 -31.59
CA LYS C 181 11.25 19.82 -30.59
C LYS C 181 10.35 19.45 -29.41
N ALA C 182 10.49 20.22 -28.34
CA ALA C 182 9.69 20.02 -27.14
C ALA C 182 8.26 20.50 -27.35
N PRO C 183 7.31 19.98 -26.56
CA PRO C 183 5.95 20.56 -26.57
C PRO C 183 5.95 22.03 -26.18
N LYS C 184 4.94 22.75 -26.69
CA LYS C 184 4.67 24.13 -26.31
C LYS C 184 3.23 24.24 -25.85
N LEU C 185 3.01 24.89 -24.72
CA LEU C 185 1.64 25.07 -24.23
C LEU C 185 0.93 26.09 -25.10
N MET C 186 -0.19 25.69 -25.68
CA MET C 186 -0.98 26.60 -26.50
C MET C 186 -2.26 27.07 -25.78
N ILE C 187 -2.84 26.21 -24.94
CA ILE C 187 -4.11 26.42 -24.24
C ILE C 187 -4.06 25.76 -22.87
N TYR C 188 -4.57 26.44 -21.85
CA TYR C 188 -4.73 25.87 -20.51
C TYR C 188 -6.10 26.32 -20.01
N GLU C 189 -6.65 25.60 -19.03
CA GLU C 189 -7.95 25.92 -18.44
C GLU C 189 -9.02 25.99 -19.54
N VAL C 190 -8.91 25.05 -20.50
CA VAL C 190 -9.87 24.84 -21.58
C VAL C 190 -9.71 25.87 -22.69
N SER C 191 -9.61 27.15 -22.34
CA SER C 191 -9.65 28.19 -23.36
C SER C 191 -8.65 29.32 -23.18
N LYS C 192 -7.83 29.32 -22.15
CA LYS C 192 -6.89 30.42 -21.94
C LYS C 192 -5.61 30.19 -22.73
N ARG C 193 -5.10 31.28 -23.29
CA ARG C 193 -3.89 31.25 -24.10
C ARG C 193 -2.74 31.88 -23.32
N PRO C 194 -1.61 31.19 -23.16
CA PRO C 194 -0.41 31.84 -22.64
C PRO C 194 -0.05 33.06 -23.48
N SER C 195 0.74 33.95 -22.89
CA SER C 195 1.26 35.09 -23.62
C SER C 195 2.05 34.62 -24.83
N GLY C 196 1.85 35.30 -25.94
CA GLY C 196 2.58 34.95 -27.14
C GLY C 196 2.09 33.73 -27.87
N VAL C 197 0.88 33.25 -27.58
CA VAL C 197 0.21 32.26 -28.42
C VAL C 197 -0.79 33.01 -29.31
N PRO C 198 -0.75 32.84 -30.63
CA PRO C 198 -1.68 33.56 -31.50
C PRO C 198 -3.12 33.21 -31.17
N ASP C 199 -3.99 34.21 -31.30
CA ASP C 199 -5.40 34.03 -30.97
C ASP C 199 -6.16 33.22 -32.01
N ARG C 200 -5.51 32.79 -33.08
CA ARG C 200 -6.15 31.81 -33.97
C ARG C 200 -6.03 30.39 -33.42
N PHE C 201 -5.45 30.23 -32.23
CA PHE C 201 -5.51 28.97 -31.49
C PHE C 201 -6.56 29.16 -30.40
N SER C 202 -7.71 28.52 -30.53
CA SER C 202 -8.73 28.67 -29.51
C SER C 202 -9.17 27.30 -28.99
N GLY C 203 -9.53 27.28 -27.70
CA GLY C 203 -9.88 26.06 -27.02
C GLY C 203 -11.30 26.14 -26.52
N SER C 204 -11.98 24.99 -26.52
CA SER C 204 -13.35 24.93 -26.06
C SER C 204 -13.63 23.51 -25.59
N LYS C 205 -14.83 23.33 -25.06
CA LYS C 205 -15.30 22.09 -24.48
C LYS C 205 -16.80 21.96 -24.76
N SER C 206 -17.25 20.75 -25.06
CA SER C 206 -18.69 20.47 -25.09
C SER C 206 -18.88 19.08 -24.49
N GLY C 207 -19.54 19.02 -23.35
CA GLY C 207 -19.67 17.76 -22.64
C GLY C 207 -18.29 17.18 -22.34
N ASN C 208 -18.08 15.93 -22.77
CA ASN C 208 -16.86 15.20 -22.43
C ASN C 208 -15.77 15.41 -23.47
N THR C 209 -15.96 16.31 -24.44
CA THR C 209 -15.02 16.48 -25.54
C THR C 209 -14.48 17.91 -25.53
N ALA C 210 -13.16 18.03 -25.47
CA ALA C 210 -12.48 19.29 -25.70
C ALA C 210 -12.12 19.43 -27.17
N SER C 211 -12.04 20.68 -27.63
CA SER C 211 -11.65 20.96 -29.00
C SER C 211 -10.65 22.11 -29.07
N LEU C 212 -9.62 21.88 -29.88
CA LEU C 212 -8.67 22.89 -30.29
C LEU C 212 -9.04 23.28 -31.71
N THR C 213 -9.42 24.54 -31.91
CA THR C 213 -9.67 25.06 -33.25
C THR C 213 -8.48 25.92 -33.64
N VAL C 214 -7.79 25.52 -34.69
CA VAL C 214 -6.72 26.31 -35.31
C VAL C 214 -7.30 26.94 -36.56
N SER C 215 -7.34 28.26 -36.61
CA SER C 215 -7.85 28.99 -37.76
C SER C 215 -6.72 29.80 -38.40
N GLY C 216 -7.02 30.33 -39.58
CA GLY C 216 -6.00 31.00 -40.39
C GLY C 216 -4.80 30.11 -40.62
N LEU C 217 -5.05 28.85 -40.93
CA LEU C 217 -3.97 27.86 -40.94
C LEU C 217 -2.81 28.32 -41.82
N GLN C 218 -1.60 28.06 -41.31
CA GLN C 218 -0.35 28.44 -41.95
C GLN C 218 0.53 27.19 -42.01
N ALA C 219 1.52 27.20 -42.90
CA ALA C 219 2.39 26.05 -43.01
C ALA C 219 3.06 25.72 -41.69
N GLU C 220 3.41 26.75 -40.91
CA GLU C 220 4.10 26.49 -39.65
C GLU C 220 3.20 25.78 -38.62
N ASP C 221 1.89 25.70 -38.85
CA ASP C 221 1.02 25.02 -37.89
C ASP C 221 1.08 23.50 -38.04
N GLU C 222 1.75 23.01 -39.08
CA GLU C 222 1.93 21.58 -39.27
C GLU C 222 2.72 21.04 -38.10
N ALA C 223 2.11 20.16 -37.32
CA ALA C 223 2.73 19.71 -36.08
C ALA C 223 1.86 18.62 -35.49
N ASP C 224 2.30 18.04 -34.37
CA ASP C 224 1.50 17.14 -33.58
C ASP C 224 0.88 17.96 -32.46
N TYR C 225 -0.41 17.71 -32.18
CA TYR C 225 -1.14 18.41 -31.13
C TYR C 225 -1.67 17.40 -30.13
N TYR C 226 -1.48 17.71 -28.84
CA TYR C 226 -1.87 16.83 -27.74
C TYR C 226 -2.80 17.57 -26.80
N CYS C 227 -3.88 16.93 -26.41
CA CYS C 227 -4.62 17.44 -25.28
C CYS C 227 -4.15 16.75 -24.00
N SER C 228 -4.50 17.36 -22.88
CA SER C 228 -4.17 16.86 -21.55
C SER C 228 -5.28 17.24 -20.61
N SER C 229 -5.53 16.36 -19.63
CA SER C 229 -6.53 16.64 -18.61
C SER C 229 -6.13 15.93 -17.32
N TYR C 230 -6.42 16.60 -16.20
CA TYR C 230 -6.32 15.95 -14.90
C TYR C 230 -7.46 14.96 -14.73
N ALA C 231 -7.19 13.83 -14.08
CA ALA C 231 -8.22 12.81 -13.92
C ALA C 231 -8.34 12.34 -12.48
N GLY C 232 -7.97 13.18 -11.52
CA GLY C 232 -8.01 12.80 -10.12
C GLY C 232 -6.80 11.99 -9.70
N SER C 233 -6.70 11.79 -8.39
CA SER C 233 -5.62 10.98 -7.82
C SER C 233 -4.30 11.36 -8.48
N ASN C 234 -3.46 10.37 -8.81
CA ASN C 234 -2.15 10.63 -9.41
C ASN C 234 -2.19 10.58 -10.94
N ASN C 235 -3.27 11.02 -11.55
CA ASN C 235 -3.50 10.79 -12.97
C ASN C 235 -3.57 12.10 -13.73
N LEU C 236 -2.48 12.40 -14.41
CA LEU C 236 -2.48 13.39 -15.47
C LEU C 236 -2.55 12.59 -16.79
N LEU C 237 -3.57 12.84 -17.58
CA LEU C 237 -3.79 12.14 -18.83
C LEU C 237 -3.35 12.99 -20.00
N PHE C 238 -2.82 12.33 -21.03
CA PHE C 238 -2.56 12.94 -22.32
C PHE C 238 -3.33 12.19 -23.38
N GLY C 239 -3.79 12.90 -24.39
CA GLY C 239 -4.27 12.26 -25.59
C GLY C 239 -3.14 11.64 -26.38
N GLY C 240 -3.53 10.79 -27.36
CA GLY C 240 -2.57 10.11 -28.20
C GLY C 240 -1.89 10.98 -29.24
N GLY C 241 -2.39 12.18 -29.49
CA GLY C 241 -1.78 13.05 -30.48
C GLY C 241 -2.54 13.11 -31.78
N THR C 242 -2.63 14.30 -32.36
CA THR C 242 -3.21 14.50 -33.67
C THR C 242 -2.14 15.15 -34.54
N LYS C 243 -1.84 14.55 -35.68
CA LYS C 243 -0.89 15.15 -36.61
C LYS C 243 -1.68 16.02 -37.59
N LEU C 244 -1.36 17.31 -37.62
CA LEU C 244 -2.07 18.25 -38.47
C LEU C 244 -1.27 18.52 -39.73
N THR C 245 -1.90 18.30 -40.87
CA THR C 245 -1.35 18.58 -42.18
C THR C 245 -2.07 19.80 -42.73
N VAL C 246 -1.29 20.75 -43.23
CA VAL C 246 -1.82 21.89 -43.97
C VAL C 246 -1.63 21.55 -45.44
N LEU C 247 -2.73 21.31 -46.14
CA LEU C 247 -2.69 20.99 -47.55
C LEU C 247 -3.11 22.23 -48.30
N CYS D 3 -22.94 21.89 23.88
CA CYS D 3 -21.83 22.41 23.07
C CYS D 3 -22.34 23.01 21.75
N PRO D 4 -21.76 24.14 21.35
CA PRO D 4 -22.27 24.91 20.20
C PRO D 4 -21.90 24.33 18.82
N PHE D 5 -22.16 23.05 18.63
CA PHE D 5 -21.79 22.40 17.37
C PHE D 5 -22.57 22.97 16.20
N GLY D 6 -23.85 23.29 16.40
CA GLY D 6 -24.63 23.88 15.34
C GLY D 6 -24.01 25.15 14.78
N GLU D 7 -23.40 25.96 15.65
CA GLU D 7 -22.70 27.16 15.21
C GLU D 7 -21.66 26.82 14.14
N VAL D 8 -21.01 25.67 14.28
CA VAL D 8 -20.00 25.27 13.31
C VAL D 8 -20.64 24.62 12.09
N PHE D 9 -21.45 23.59 12.33
CA PHE D 9 -21.91 22.75 11.23
C PHE D 9 -22.96 23.44 10.39
N ASN D 10 -23.81 24.26 10.99
CA ASN D 10 -24.89 24.91 10.28
C ASN D 10 -24.59 26.36 9.91
N ALA D 11 -23.33 26.80 10.01
CA ALA D 11 -22.98 28.14 9.59
C ALA D 11 -23.42 28.37 8.15
N THR D 12 -24.02 29.54 7.91
CA THR D 12 -24.37 29.91 6.55
C THR D 12 -23.13 29.96 5.66
N ARG D 13 -22.05 30.56 6.16
CA ARG D 13 -20.80 30.77 5.43
C ARG D 13 -19.70 29.92 6.05
N PHE D 14 -18.89 29.29 5.19
CA PHE D 14 -17.74 28.51 5.61
C PHE D 14 -16.46 29.21 5.16
N ALA D 15 -15.38 28.98 5.90
CA ALA D 15 -14.10 29.57 5.53
C ALA D 15 -13.50 28.91 4.30
N SER D 16 -12.68 29.69 3.57
CA SER D 16 -11.74 29.11 2.61
C SER D 16 -10.68 28.33 3.39
N VAL D 17 -10.09 27.32 2.74
CA VAL D 17 -9.24 26.38 3.48
C VAL D 17 -7.91 27.01 3.87
N TYR D 18 -7.37 27.92 3.06
CA TYR D 18 -6.14 28.60 3.50
C TYR D 18 -6.38 29.42 4.75
N ALA D 19 -7.59 29.96 4.91
CA ALA D 19 -7.97 30.77 6.05
C ALA D 19 -8.93 30.00 6.94
N TRP D 20 -8.62 28.73 7.15
CA TRP D 20 -9.54 27.85 7.85
C TRP D 20 -9.89 28.39 9.22
N ASN D 21 -11.16 28.21 9.57
CA ASN D 21 -11.67 28.69 10.83
C ASN D 21 -11.41 27.69 11.93
N ARG D 22 -11.20 28.21 13.14
CA ARG D 22 -11.09 27.38 14.34
C ARG D 22 -12.05 27.90 15.40
N LYS D 23 -12.94 27.03 15.85
CA LYS D 23 -13.80 27.28 17.00
C LYS D 23 -13.35 26.36 18.13
N ARG D 24 -12.95 26.94 19.26
CA ARG D 24 -12.66 26.08 20.40
C ARG D 24 -13.95 25.83 21.16
N ILE D 25 -14.03 24.67 21.78
CA ILE D 25 -15.26 24.17 22.40
C ILE D 25 -14.88 23.70 23.79
N SER D 26 -15.37 24.40 24.80
CA SER D 26 -15.04 24.12 26.19
C SER D 26 -16.25 24.37 27.07
N ASN D 27 -16.15 23.88 28.30
CA ASN D 27 -17.16 24.12 29.36
C ASN D 27 -18.58 23.89 28.85
N CYS D 28 -18.86 22.64 28.48
CA CYS D 28 -20.02 22.32 27.66
C CYS D 28 -20.17 20.82 27.56
N VAL D 29 -21.42 20.39 27.45
CA VAL D 29 -21.77 18.98 27.35
C VAL D 29 -21.85 18.64 25.87
N ALA D 30 -21.10 17.63 25.46
CA ALA D 30 -20.94 17.29 24.05
C ALA D 30 -21.65 15.97 23.76
N ASP D 31 -22.75 16.04 23.00
CA ASP D 31 -23.51 14.87 22.58
C ASP D 31 -23.19 14.65 21.10
N TYR D 32 -22.43 13.61 20.81
CA TYR D 32 -21.97 13.32 19.45
C TYR D 32 -22.86 12.36 18.69
N SER D 33 -23.71 11.59 19.38
CA SER D 33 -24.59 10.67 18.67
C SER D 33 -25.58 11.41 17.78
N VAL D 34 -25.99 12.63 18.18
CA VAL D 34 -26.88 13.42 17.34
C VAL D 34 -26.15 13.92 16.10
N LEU D 35 -24.82 14.02 16.18
CA LEU D 35 -24.00 14.40 15.04
C LEU D 35 -23.83 13.21 14.10
N TYR D 36 -23.41 12.05 14.63
CA TYR D 36 -23.06 10.92 13.77
C TYR D 36 -24.23 10.47 12.90
N ASN D 37 -25.46 10.87 13.22
CA ASN D 37 -26.64 10.37 12.54
C ASN D 37 -27.38 11.49 11.83
N SER D 38 -27.89 12.47 12.56
CA SER D 38 -28.82 13.47 12.03
C SER D 38 -28.55 13.91 10.60
N ALA D 39 -27.46 14.63 10.34
CA ALA D 39 -27.23 15.18 9.01
C ALA D 39 -26.79 14.09 8.03
N SER D 40 -26.67 14.46 6.76
CA SER D 40 -26.29 13.50 5.72
C SER D 40 -24.83 13.73 5.35
N PHE D 41 -23.96 13.25 6.22
CA PHE D 41 -22.53 13.35 6.03
C PHE D 41 -22.08 12.29 5.04
N SER D 42 -21.12 12.62 4.18
CA SER D 42 -20.55 11.63 3.28
C SER D 42 -19.22 11.09 3.79
N THR D 43 -18.54 11.83 4.66
CA THR D 43 -17.38 11.36 5.39
C THR D 43 -17.60 11.63 6.87
N PHE D 44 -17.42 10.60 7.70
CA PHE D 44 -17.49 10.77 9.15
C PHE D 44 -16.63 9.65 9.73
N LYS D 45 -15.36 9.96 9.97
CA LYS D 45 -14.38 8.97 10.41
C LYS D 45 -13.54 9.56 11.53
N CYS D 46 -13.00 8.68 12.36
CA CYS D 46 -12.23 9.13 13.52
C CYS D 46 -10.95 8.32 13.62
N TYR D 47 -9.94 8.96 14.21
CA TYR D 47 -8.61 8.38 14.38
C TYR D 47 -8.30 8.34 15.87
N GLY D 48 -7.86 7.18 16.35
CA GLY D 48 -7.51 7.02 17.75
C GLY D 48 -8.69 6.97 18.70
N VAL D 49 -9.91 7.15 18.21
CA VAL D 49 -11.11 6.95 19.00
C VAL D 49 -12.15 6.26 18.13
N SER D 50 -13.07 5.62 18.76
CA SER D 50 -14.11 4.90 18.02
C SER D 50 -15.28 5.85 17.75
N PRO D 51 -15.79 5.93 16.53
CA PRO D 51 -16.84 6.92 16.25
C PRO D 51 -18.00 6.89 17.23
N THR D 52 -18.43 5.70 17.64
CA THR D 52 -19.60 5.56 18.49
C THR D 52 -19.31 5.80 19.96
N LYS D 53 -18.05 5.69 20.38
CA LYS D 53 -17.71 5.85 21.78
C LYS D 53 -17.53 7.31 22.19
N LEU D 54 -17.80 8.26 21.30
CA LEU D 54 -17.47 9.65 21.58
C LEU D 54 -18.19 10.16 22.82
N ASN D 55 -19.43 9.72 23.06
CA ASN D 55 -20.15 10.16 24.24
C ASN D 55 -19.52 9.67 25.53
N ASP D 56 -18.63 8.69 25.46
CA ASP D 56 -18.02 8.07 26.62
C ASP D 56 -16.79 8.83 27.09
N LEU D 57 -16.34 9.82 26.34
CA LEU D 57 -15.01 10.39 26.53
C LEU D 57 -15.09 11.83 27.00
N CYS D 58 -14.02 12.25 27.67
CA CYS D 58 -13.88 13.59 28.20
C CYS D 58 -12.54 14.14 27.73
N PHE D 59 -12.53 15.39 27.26
CA PHE D 59 -11.32 16.05 26.82
C PHE D 59 -11.24 17.42 27.49
N THR D 60 -10.02 17.95 27.56
CA THR D 60 -9.81 19.27 28.13
C THR D 60 -10.45 20.33 27.26
N ASN D 61 -10.12 20.32 25.98
CA ASN D 61 -10.76 21.16 24.99
C ASN D 61 -10.99 20.36 23.74
N VAL D 62 -11.91 20.83 22.92
CA VAL D 62 -12.20 20.26 21.61
C VAL D 62 -12.14 21.42 20.63
N TYR D 63 -11.45 21.24 19.53
CA TYR D 63 -11.34 22.24 18.49
C TYR D 63 -12.08 21.76 17.26
N ALA D 64 -12.93 22.61 16.68
CA ALA D 64 -13.67 22.31 15.47
C ALA D 64 -13.14 23.23 14.39
N ASP D 65 -12.36 22.68 13.46
CA ASP D 65 -11.88 23.43 12.32
C ASP D 65 -12.79 23.19 11.14
N SER D 66 -13.11 24.24 10.38
CA SER D 66 -14.06 24.12 9.29
C SER D 66 -13.61 24.94 8.09
N PHE D 67 -13.90 24.43 6.88
CA PHE D 67 -13.45 25.04 5.64
C PHE D 67 -14.08 24.26 4.48
N VAL D 68 -13.84 24.75 3.25
CA VAL D 68 -14.35 24.13 2.04
C VAL D 68 -13.20 23.78 1.12
N ILE D 69 -13.28 22.59 0.52
CA ILE D 69 -12.34 22.09 -0.46
C ILE D 69 -13.14 21.31 -1.50
N ARG D 70 -12.44 20.84 -2.54
CA ARG D 70 -13.07 19.96 -3.50
C ARG D 70 -13.27 18.56 -2.91
N GLY D 71 -14.24 17.84 -3.46
CA GLY D 71 -14.45 16.45 -3.05
C GLY D 71 -13.18 15.62 -3.06
N ASP D 72 -12.48 15.62 -4.20
CA ASP D 72 -11.28 14.79 -4.32
C ASP D 72 -10.18 15.17 -3.35
N GLU D 73 -10.26 16.34 -2.71
CA GLU D 73 -9.24 16.78 -1.77
C GLU D 73 -9.53 16.40 -0.33
N VAL D 74 -10.74 15.91 -0.08
CA VAL D 74 -11.10 15.47 1.28
C VAL D 74 -10.12 14.40 1.75
N ARG D 75 -9.63 13.57 0.83
CA ARG D 75 -8.64 12.55 1.17
C ARG D 75 -7.43 13.13 1.86
N GLN D 76 -7.10 14.39 1.59
CA GLN D 76 -5.90 14.98 2.15
C GLN D 76 -6.09 15.43 3.59
N ILE D 77 -7.34 15.48 4.07
CA ILE D 77 -7.60 15.85 5.45
C ILE D 77 -7.51 14.59 6.30
N ALA D 78 -6.28 14.14 6.54
CA ALA D 78 -6.01 12.91 7.28
C ALA D 78 -4.53 12.88 7.62
N PRO D 79 -4.15 12.19 8.70
CA PRO D 79 -2.72 12.08 9.01
C PRO D 79 -1.96 11.42 7.87
N GLY D 80 -0.73 11.90 7.66
CA GLY D 80 0.18 11.26 6.72
C GLY D 80 -0.06 11.61 5.27
N GLN D 81 -0.91 12.58 4.99
CA GLN D 81 -1.20 12.87 3.60
C GLN D 81 -0.29 13.97 3.05
N THR D 82 -0.22 14.04 1.72
CA THR D 82 0.51 15.05 0.99
C THR D 82 -0.41 15.52 -0.13
N GLY D 83 -0.05 16.68 -0.71
CA GLY D 83 -0.89 17.30 -1.72
C GLY D 83 -1.01 18.78 -1.47
N LYS D 84 -1.63 19.51 -2.41
CA LYS D 84 -1.70 20.96 -2.29
C LYS D 84 -2.43 21.39 -1.02
N ILE D 85 -3.44 20.64 -0.59
CA ILE D 85 -4.17 21.04 0.60
C ILE D 85 -3.38 20.69 1.86
N ALA D 86 -2.91 19.45 1.97
CA ALA D 86 -2.14 19.07 3.15
C ALA D 86 -0.84 19.87 3.25
N ASP D 87 -0.20 20.14 2.12
CA ASP D 87 1.12 20.78 2.21
C ASP D 87 1.04 22.26 2.47
N TYR D 88 0.04 22.94 1.91
CA TYR D 88 0.04 24.40 1.92
C TYR D 88 -1.19 25.06 2.50
N ASN D 89 -2.17 24.28 2.96
CA ASN D 89 -3.39 24.91 3.46
C ASN D 89 -3.89 24.42 4.81
N TYR D 90 -4.03 23.10 4.98
CA TYR D 90 -4.46 22.56 6.27
C TYR D 90 -3.78 21.23 6.51
N LYS D 91 -3.01 21.14 7.59
CA LYS D 91 -2.15 20.00 7.86
C LYS D 91 -2.52 19.36 9.18
N LEU D 92 -2.87 18.08 9.14
CA LEU D 92 -3.15 17.29 10.32
C LEU D 92 -1.86 16.63 10.77
N PRO D 93 -1.62 16.47 12.07
CA PRO D 93 -0.41 15.77 12.52
C PRO D 93 -0.49 14.27 12.28
N ASP D 94 0.70 13.64 12.26
CA ASP D 94 0.80 12.21 12.02
C ASP D 94 0.06 11.39 13.08
N ASP D 95 0.01 11.89 14.30
CA ASP D 95 -0.60 11.23 15.45
C ASP D 95 -1.96 11.83 15.80
N PHE D 96 -2.67 12.33 14.81
CA PHE D 96 -3.92 13.02 15.04
C PHE D 96 -4.93 12.12 15.73
N THR D 97 -5.58 12.67 16.76
CA THR D 97 -6.70 12.02 17.42
C THR D 97 -7.93 12.91 17.26
N GLY D 98 -8.96 12.39 16.61
CA GLY D 98 -10.17 13.16 16.39
C GLY D 98 -10.91 12.60 15.19
N CYS D 99 -11.82 13.43 14.67
CA CYS D 99 -12.69 12.99 13.59
C CYS D 99 -12.70 14.01 12.46
N VAL D 100 -12.94 13.50 11.26
CA VAL D 100 -13.02 14.29 10.04
C VAL D 100 -14.42 14.08 9.50
N ILE D 101 -15.17 15.16 9.36
CA ILE D 101 -16.55 15.11 8.86
C ILE D 101 -16.65 16.02 7.64
N ALA D 102 -17.30 15.51 6.58
CA ALA D 102 -17.42 16.28 5.34
C ALA D 102 -18.76 15.99 4.68
N TRP D 103 -19.24 16.95 3.88
CA TRP D 103 -20.46 16.72 3.12
C TRP D 103 -20.46 17.60 1.86
N ASN D 104 -21.14 17.12 0.83
CA ASN D 104 -21.22 17.85 -0.43
C ASN D 104 -22.04 19.11 -0.25
N SER D 105 -21.49 20.26 -0.64
CA SER D 105 -22.20 21.53 -0.48
C SER D 105 -22.42 22.22 -1.82
N ASN D 106 -22.58 21.44 -2.89
CA ASN D 106 -22.73 22.03 -4.22
C ASN D 106 -23.86 23.07 -4.27
N ASN D 107 -24.99 22.76 -3.63
CA ASN D 107 -26.15 23.65 -3.71
C ASN D 107 -25.98 24.94 -2.94
N LEU D 108 -24.98 25.04 -2.08
CA LEU D 108 -24.73 26.25 -1.31
C LEU D 108 -23.52 27.03 -1.77
N ASP D 109 -22.46 26.36 -2.22
CA ASP D 109 -21.16 26.98 -2.43
C ASP D 109 -20.74 27.07 -3.89
N SER D 110 -21.50 26.49 -4.80
CA SER D 110 -21.26 26.67 -6.23
C SER D 110 -22.19 27.75 -6.76
N LYS D 111 -21.83 28.33 -7.91
CA LYS D 111 -22.67 29.34 -8.56
C LYS D 111 -22.52 29.23 -10.07
N VAL D 112 -23.60 29.54 -10.80
CA VAL D 112 -23.52 29.61 -12.25
C VAL D 112 -22.47 30.66 -12.62
N GLY D 113 -21.57 30.28 -13.53
CA GLY D 113 -20.44 31.14 -13.84
C GLY D 113 -19.30 31.04 -12.86
N GLY D 114 -19.42 30.21 -11.84
CA GLY D 114 -18.32 30.00 -10.92
C GLY D 114 -18.43 30.81 -9.65
N ASN D 115 -18.16 30.17 -8.52
CA ASN D 115 -18.04 30.87 -7.24
C ASN D 115 -16.54 31.05 -7.00
N TYR D 116 -16.08 32.29 -6.98
CA TYR D 116 -14.66 32.55 -6.83
C TYR D 116 -14.30 33.05 -5.44
N ASN D 117 -15.27 33.07 -4.51
CA ASN D 117 -14.97 33.49 -3.14
C ASN D 117 -14.12 32.48 -2.39
N TYR D 118 -14.21 31.20 -2.75
CA TYR D 118 -13.47 30.16 -2.05
C TYR D 118 -12.11 29.97 -2.71
N LEU D 119 -11.05 30.10 -1.91
CA LEU D 119 -9.68 30.04 -2.39
C LEU D 119 -8.88 28.98 -1.64
N TYR D 120 -7.72 28.67 -2.21
CA TYR D 120 -6.73 27.85 -1.56
C TYR D 120 -5.35 28.31 -2.00
N ARG D 121 -4.35 28.06 -1.14
CA ARG D 121 -2.99 28.48 -1.43
C ARG D 121 -2.35 27.46 -2.37
N LEU D 122 -1.91 27.94 -3.53
CA LEU D 122 -1.29 27.11 -4.55
C LEU D 122 0.23 27.20 -4.52
N PHE D 123 0.79 28.35 -4.16
CA PHE D 123 2.24 28.56 -4.11
C PHE D 123 2.70 28.82 -2.69
N ARG D 124 3.64 28.01 -2.23
CA ARG D 124 4.29 28.20 -0.95
C ARG D 124 5.70 27.62 -1.03
N LYS D 125 6.61 28.25 -0.30
CA LYS D 125 8.01 27.81 -0.31
C LYS D 125 8.16 26.47 0.39
N SER D 126 7.37 26.23 1.43
CA SER D 126 7.56 25.09 2.32
C SER D 126 6.21 24.61 2.81
N ASN D 127 6.22 23.41 3.35
CA ASN D 127 5.01 22.78 3.84
C ASN D 127 4.62 23.39 5.19
N LEU D 128 3.32 23.36 5.47
CA LEU D 128 2.80 23.81 6.74
C LEU D 128 3.13 22.80 7.83
N LYS D 129 3.38 23.29 9.05
CA LYS D 129 3.39 22.44 10.22
C LYS D 129 1.95 22.09 10.58
N PRO D 130 1.73 21.01 11.34
CA PRO D 130 0.36 20.64 11.69
C PRO D 130 -0.35 21.79 12.38
N PHE D 131 -1.59 22.06 11.94
CA PHE D 131 -2.45 23.11 12.49
C PHE D 131 -1.90 24.52 12.33
N GLU D 132 -1.00 24.72 11.37
CA GLU D 132 -0.52 26.06 11.06
C GLU D 132 -1.46 26.69 10.04
N ARG D 133 -1.65 28.00 10.13
CA ARG D 133 -2.46 28.73 9.17
C ARG D 133 -1.60 29.85 8.57
N ASP D 134 -1.68 30.00 7.25
CA ASP D 134 -0.94 30.99 6.49
C ASP D 134 -1.94 31.79 5.66
N ILE D 135 -2.18 33.05 6.05
CA ILE D 135 -3.12 33.90 5.34
C ILE D 135 -2.39 35.00 4.58
N SER D 136 -1.08 34.89 4.42
CA SER D 136 -0.34 35.91 3.69
C SER D 136 -0.70 35.86 2.21
N THR D 137 -0.57 37.00 1.56
CA THR D 137 -0.96 37.11 0.16
C THR D 137 0.09 37.85 -0.66
N GLU D 138 1.35 37.87 -0.21
CA GLU D 138 2.38 38.55 -0.97
C GLU D 138 2.57 37.86 -2.32
N ILE D 139 2.88 38.65 -3.35
CA ILE D 139 3.16 38.05 -4.65
C ILE D 139 4.33 37.09 -4.49
N TYR D 140 4.21 35.92 -5.09
CA TYR D 140 5.12 34.80 -4.87
C TYR D 140 6.21 34.76 -5.93
N GLN D 141 7.46 34.77 -5.48
CA GLN D 141 8.60 34.82 -6.37
C GLN D 141 8.98 33.40 -6.77
N ALA D 142 8.64 33.02 -8.00
CA ALA D 142 8.96 31.69 -8.52
C ALA D 142 10.25 31.68 -9.32
N GLY D 143 10.94 32.82 -9.40
CA GLY D 143 12.15 32.91 -10.16
C GLY D 143 13.18 33.75 -9.43
N SER D 144 14.31 34.00 -10.07
CA SER D 144 15.37 34.74 -9.40
C SER D 144 15.14 36.25 -9.39
N THR D 145 14.24 36.76 -10.19
CA THR D 145 14.00 38.20 -10.25
C THR D 145 12.96 38.58 -9.20
N PRO D 146 13.26 39.52 -8.30
CA PRO D 146 12.23 40.00 -7.37
C PRO D 146 10.98 40.48 -8.12
N CYS D 147 9.82 40.30 -7.49
CA CYS D 147 8.55 40.68 -8.08
C CYS D 147 8.18 42.13 -7.76
N ASN D 148 8.54 42.60 -6.56
CA ASN D 148 8.22 43.95 -6.11
C ASN D 148 6.70 44.19 -6.18
N GLY D 149 5.94 43.14 -5.87
CA GLY D 149 4.50 43.22 -5.79
C GLY D 149 3.78 43.17 -7.12
N VAL D 150 4.49 42.94 -8.21
CA VAL D 150 3.93 43.01 -9.56
C VAL D 150 3.77 41.57 -10.06
N GLU D 151 2.54 41.22 -10.44
CA GLU D 151 2.28 39.91 -11.03
C GLU D 151 2.82 39.87 -12.45
N GLY D 152 3.24 38.69 -12.86
CA GLY D 152 3.85 38.54 -14.17
C GLY D 152 4.49 37.17 -14.27
N PHE D 153 5.38 37.02 -15.24
CA PHE D 153 6.08 35.76 -15.39
C PHE D 153 6.87 35.49 -14.10
N ASN D 154 6.70 34.28 -13.57
CA ASN D 154 7.33 33.82 -12.32
C ASN D 154 6.95 34.64 -11.10
N CYS D 155 5.88 35.43 -11.17
CA CYS D 155 5.46 36.29 -10.06
C CYS D 155 3.96 36.13 -9.92
N TYR D 156 3.52 35.34 -8.94
CA TYR D 156 2.14 34.87 -8.88
C TYR D 156 1.40 35.32 -7.63
N PHE D 157 0.12 35.68 -7.80
CA PHE D 157 -0.76 35.77 -6.65
C PHE D 157 -0.83 34.37 -5.99
N PRO D 158 -0.58 34.26 -4.69
CA PRO D 158 -0.31 32.92 -4.11
C PRO D 158 -1.56 32.08 -3.94
N LEU D 159 -2.74 32.69 -3.95
CA LEU D 159 -4.00 32.01 -3.74
C LEU D 159 -4.69 31.78 -5.07
N GLN D 160 -5.38 30.65 -5.16
CA GLN D 160 -6.05 30.26 -6.38
C GLN D 160 -7.51 30.05 -6.03
N SER D 161 -8.37 30.59 -6.88
CA SER D 161 -9.80 30.44 -6.69
C SER D 161 -10.29 29.08 -7.19
N TYR D 162 -11.21 28.49 -6.43
CA TYR D 162 -11.79 27.21 -6.85
C TYR D 162 -12.73 27.38 -8.03
N GLY D 163 -13.54 28.44 -8.04
CA GLY D 163 -14.44 28.65 -9.17
C GLY D 163 -15.54 27.62 -9.29
N PHE D 164 -16.09 27.18 -8.16
CA PHE D 164 -17.04 26.08 -8.16
C PHE D 164 -18.25 26.37 -9.05
N GLN D 165 -18.57 25.42 -9.94
CA GLN D 165 -19.72 25.48 -10.82
C GLN D 165 -20.67 24.33 -10.49
N PRO D 166 -21.99 24.56 -10.50
CA PRO D 166 -22.91 23.45 -10.18
C PRO D 166 -22.72 22.23 -11.07
N THR D 167 -22.30 22.44 -12.31
CA THR D 167 -22.11 21.37 -13.27
C THR D 167 -20.74 20.69 -13.14
N ASN D 168 -19.91 21.08 -12.17
CA ASN D 168 -18.67 20.34 -11.98
C ASN D 168 -18.95 18.89 -11.64
N GLY D 169 -18.02 18.00 -12.00
CA GLY D 169 -18.08 16.63 -11.52
C GLY D 169 -18.01 16.57 -10.00
N VAL D 170 -18.48 15.47 -9.44
CA VAL D 170 -18.62 15.35 -7.99
C VAL D 170 -17.28 15.56 -7.31
N GLY D 171 -16.24 14.95 -7.83
CA GLY D 171 -14.93 15.13 -7.24
C GLY D 171 -14.46 16.58 -7.19
N TYR D 172 -15.00 17.43 -8.06
CA TYR D 172 -14.59 18.82 -8.18
C TYR D 172 -15.61 19.79 -7.60
N GLN D 173 -16.70 19.27 -7.06
CA GLN D 173 -17.71 20.05 -6.37
C GLN D 173 -17.23 20.41 -4.97
N PRO D 174 -17.78 21.47 -4.39
CA PRO D 174 -17.36 21.88 -3.05
C PRO D 174 -17.88 20.92 -1.97
N TYR D 175 -17.02 20.64 -0.99
CA TYR D 175 -17.38 19.87 0.19
C TYR D 175 -17.05 20.72 1.41
N ARG D 176 -18.02 20.80 2.35
CA ARG D 176 -17.80 21.45 3.63
C ARG D 176 -17.20 20.40 4.57
N VAL D 177 -16.16 20.79 5.29
CA VAL D 177 -15.39 19.88 6.12
C VAL D 177 -15.29 20.45 7.52
N VAL D 178 -15.49 19.60 8.53
CA VAL D 178 -15.29 19.97 9.92
C VAL D 178 -14.32 18.95 10.51
N VAL D 179 -13.25 19.45 11.14
CA VAL D 179 -12.28 18.56 11.79
C VAL D 179 -12.43 18.78 13.29
N LEU D 180 -12.69 17.70 14.02
CA LEU D 180 -12.83 17.74 15.47
C LEU D 180 -11.54 17.22 16.09
N SER D 181 -10.84 18.08 16.83
CA SER D 181 -9.57 17.74 17.45
C SER D 181 -9.79 17.58 18.95
N PHE D 182 -9.32 16.48 19.50
CA PHE D 182 -9.64 16.05 20.85
C PHE D 182 -8.42 16.26 21.72
N GLU D 183 -8.39 17.37 22.47
CA GLU D 183 -7.17 17.78 23.16
C GLU D 183 -7.17 17.21 24.56
N LEU D 184 -6.08 16.54 24.93
CA LEU D 184 -5.89 15.97 26.25
C LEU D 184 -4.77 16.73 26.92
N LEU D 185 -5.09 17.45 27.99
CA LEU D 185 -4.12 18.21 28.76
C LEU D 185 -4.18 17.77 30.22
N HIS D 186 -3.14 18.13 30.97
CA HIS D 186 -3.12 17.86 32.42
C HIS D 186 -3.92 18.96 33.14
N ALA D 187 -5.23 18.88 32.97
CA ALA D 187 -6.16 19.86 33.53
C ALA D 187 -7.55 19.23 33.56
N PRO D 188 -8.50 19.86 34.24
CA PRO D 188 -9.86 19.30 34.29
C PRO D 188 -10.47 19.16 32.91
N ALA D 189 -11.40 18.22 32.79
CA ALA D 189 -12.03 17.87 31.52
C ALA D 189 -13.30 18.69 31.32
N THR D 190 -13.24 19.67 30.42
CA THR D 190 -14.32 20.65 30.29
C THR D 190 -15.10 20.46 28.99
N VAL D 191 -14.95 19.30 28.34
CA VAL D 191 -15.88 18.83 27.32
C VAL D 191 -16.08 17.34 27.52
N CYS D 192 -17.32 16.93 27.79
CA CYS D 192 -17.68 15.51 27.88
C CYS D 192 -18.95 15.24 27.07
C1 NAG E . 23.58 -39.74 -4.59
C2 NAG E . 24.59 -39.21 -5.63
C3 NAG E . 24.14 -39.58 -7.05
C4 NAG E . 23.87 -41.07 -7.17
C5 NAG E . 22.86 -41.49 -6.11
C6 NAG E . 22.57 -42.97 -6.09
C7 NAG E . 25.93 -37.17 -5.33
C8 NAG E . 25.89 -35.68 -5.25
N2 NAG E . 24.75 -37.77 -5.51
O3 NAG E . 25.15 -39.18 -7.98
O4 NAG E . 23.32 -41.35 -8.46
O5 NAG E . 23.36 -41.15 -4.82
O6 NAG E . 23.50 -43.71 -5.29
O7 NAG E . 26.98 -37.81 -5.24
H2 NAG E . 25.45 -39.64 -5.46
H3 NAG E . 23.32 -39.10 -7.25
H4 NAG E . 24.69 -41.58 -7.06
H5 NAG E . 22.01 -41.02 -6.27
H61 NAG E . 22.62 -43.31 -7.00
H62 NAG E . 21.67 -43.12 -5.74
H81 NAG E . 26.80 -35.33 -5.09
H82 NAG E . 25.32 -35.40 -4.51
H83 NAG E . 25.55 -35.31 -6.08
HN2 NAG E . 24.01 -37.25 -5.57
HO3 NAG E . 24.87 -39.33 -8.81
HO4 NAG E . 23.71 -42.05 -8.82
HO6 NAG E . 23.88 -43.18 -4.69
C1 NAG F . -28.37 21.89 12.18
C2 NAG F . -28.17 21.23 13.55
C3 NAG F . -29.23 20.16 13.78
C4 NAG F . -30.61 20.80 13.71
C5 NAG F . -30.81 21.48 12.35
C6 NAG F . -32.08 22.30 12.31
C7 NAG F . -26.11 20.77 14.80
C8 NAG F . -26.73 21.51 15.94
N2 NAG F . -26.83 20.66 13.68
O3 NAG F . -29.02 19.55 15.04
O4 NAG F . -31.62 19.81 13.91
O5 NAG F . -29.73 22.38 12.07
O6 NAG F . -32.10 23.25 13.37
O7 NAG F . -24.97 20.29 14.88
H2 NAG F . -28.27 21.92 14.24
H3 NAG F . -29.16 19.47 13.09
H4 NAG F . -30.69 21.47 14.42
H5 NAG F . -30.82 20.78 11.67
H61 NAG F . -32.84 21.71 12.39
H62 NAG F . -32.11 22.77 11.45
H81 NAG F . -26.15 21.47 16.72
H82 NAG F . -27.59 21.10 16.16
H83 NAG F . -26.87 22.44 15.69
HN2 NAG F . -26.48 20.21 12.98
HO3 NAG F . -29.80 19.23 15.33
HO4 NAG F . -32.38 20.20 14.14
HO6 NAG F . -32.83 23.76 13.32
#